data_3E8D
#
_entry.id   3E8D
#
_cell.length_a   116.823
_cell.length_b   116.823
_cell.length_c   45.102
_cell.angle_alpha   90.00
_cell.angle_beta   90.00
_cell.angle_gamma   120.00
#
_symmetry.space_group_name_H-M   'P 32'
#
loop_
_entity.id
_entity.type
_entity.pdbx_description
1 polymer 'RAC-beta serine/threonine-protein kinase'
2 polymer 'Glycogen synthase kinase-3 beta peptide'
3 non-polymer 4-[2-(4-amino-2,5-dihydro-1,2,5-oxadiazol-3-yl)-6-{[(1S)-3-amino-1-phenylpropyl]oxy}-1-ethyl-1H-imidazo[4,5-c]pyridin-4-yl]-2-methylbut-3-yn-2-ol
4 water water
#
loop_
_entity_poly.entity_id
_entity_poly.type
_entity_poly.pdbx_seq_one_letter_code
_entity_poly.pdbx_strand_id
1 'polypeptide(L)'
;KVTMNDFDYLKLLGKGTFGKVILVREKATGRYYAMKILRKEVIIAKDEVAHTVTESRVLQNTRHPFLTALKYAFQTHDRL
CFVMEYANGGELFFHLSRERVFTEERARFYGAEIVSALEYLHSRDVVYRDIKLENLMLDKDGHIKITDFGLCKEGISDGA
TMK(TPO)FCGTPEYLAPEVLEDNDYGRAVDWWGLGVVMYEMMCGRLPFYNQDHERLFELILMEEIRFPRTLSPEAKSLL
AGLLKKDPKQRLGGGPSDAKEVMEHRFFLSINWQDVVQKKLLPPFKPQVTSEVDTRYFDDEFTAQSITI(TPO)PPDRYD
SLGLLELDQRTHFPQFDYSASIR
;
A,B
2 'polypeptide(L)' GRPRTTSFAE C,D
#
# COMPACT_ATOMS: atom_id res chain seq x y z
N LYS A 1 41.00 9.71 -5.59
CA LYS A 1 39.57 9.31 -5.53
C LYS A 1 39.41 7.79 -5.58
N VAL A 2 38.43 7.28 -4.83
CA VAL A 2 38.19 5.83 -4.71
C VAL A 2 37.16 5.36 -5.73
N THR A 3 37.38 4.16 -6.27
CA THR A 3 36.55 3.65 -7.36
C THR A 3 36.11 2.20 -7.11
N MET A 4 35.33 1.68 -8.05
CA MET A 4 34.72 0.36 -7.93
C MET A 4 35.76 -0.75 -7.94
N ASN A 5 36.66 -0.71 -8.92
CA ASN A 5 37.64 -1.80 -9.10
C ASN A 5 38.86 -1.74 -8.18
N ASP A 6 38.71 -1.06 -7.04
CA ASP A 6 39.68 -1.15 -5.94
C ASP A 6 39.40 -2.36 -5.05
N PHE A 7 38.28 -3.04 -5.31
CA PHE A 7 37.83 -4.15 -4.50
C PHE A 7 37.59 -5.42 -5.33
N ASP A 8 37.80 -6.57 -4.72
CA ASP A 8 37.35 -7.85 -5.28
C ASP A 8 35.96 -8.10 -4.71
N TYR A 9 35.06 -8.64 -5.53
CA TYR A 9 33.67 -8.87 -5.14
C TYR A 9 33.42 -10.37 -4.99
N LEU A 10 33.15 -10.81 -3.76
CA LEU A 10 33.24 -12.23 -3.41
C LEU A 10 31.90 -12.95 -3.30
N LYS A 11 30.98 -12.41 -2.51
CA LYS A 11 29.65 -13.01 -2.32
C LYS A 11 28.58 -11.95 -2.06
N LEU A 12 27.37 -12.22 -2.54
CA LEU A 12 26.21 -11.37 -2.26
C LEU A 12 25.71 -11.69 -0.86
N LEU A 13 25.66 -10.67 0.00
CA LEU A 13 25.19 -10.84 1.38
C LEU A 13 23.71 -10.47 1.53
N GLY A 14 23.26 -9.54 0.70
CA GLY A 14 21.86 -9.13 0.71
C GLY A 14 21.48 -8.39 -0.56
N LYS A 15 20.22 -8.51 -0.94
CA LYS A 15 19.69 -7.83 -2.10
C LYS A 15 18.26 -7.39 -1.82
N GLY A 16 17.97 -6.13 -2.16
CA GLY A 16 16.64 -5.56 -2.01
C GLY A 16 16.30 -4.66 -3.18
N THR A 17 15.20 -3.91 -3.03
CA THR A 17 14.72 -3.03 -4.09
C THR A 17 15.59 -1.77 -4.23
N PHE A 18 16.14 -1.29 -3.12
CA PHE A 18 17.02 -0.12 -3.13
C PHE A 18 18.38 -0.43 -3.77
N GLY A 19 18.91 -1.62 -3.50
CA GLY A 19 20.21 -2.04 -4.05
C GLY A 19 20.64 -3.42 -3.59
N LYS A 20 21.93 -3.57 -3.29
CA LYS A 20 22.49 -4.86 -2.87
C LYS A 20 23.72 -4.67 -1.98
N VAL A 21 24.00 -5.65 -1.14
CA VAL A 21 25.18 -5.63 -0.27
C VAL A 21 26.09 -6.83 -0.60
N ILE A 22 27.39 -6.59 -0.65
CA ILE A 22 28.35 -7.60 -1.12
C ILE A 22 29.59 -7.69 -0.23
N LEU A 23 30.01 -8.92 0.07
CA LEU A 23 31.28 -9.16 0.75
C LEU A 23 32.41 -8.84 -0.22
N VAL A 24 33.28 -7.91 0.14
CA VAL A 24 34.38 -7.49 -0.73
C VAL A 24 35.73 -7.55 -0.01
N ARG A 25 36.79 -7.73 -0.81
CA ARG A 25 38.17 -7.64 -0.31
C ARG A 25 38.80 -6.38 -0.88
N GLU A 26 39.37 -5.56 -0.01
CA GLU A 26 40.13 -4.39 -0.44
C GLU A 26 41.47 -4.85 -1.01
N LYS A 27 41.66 -4.67 -2.32
CA LYS A 27 42.86 -5.14 -3.01
C LYS A 27 44.14 -4.60 -2.37
N ALA A 28 44.10 -3.31 -1.99
CA ALA A 28 45.29 -2.59 -1.50
C ALA A 28 45.80 -3.09 -0.15
N THR A 29 44.92 -3.63 0.69
CA THR A 29 45.28 -4.15 2.01
C THR A 29 45.03 -5.64 2.20
N GLY A 30 44.20 -6.23 1.33
CA GLY A 30 43.77 -7.62 1.48
C GLY A 30 42.75 -7.84 2.58
N ARG A 31 42.21 -6.76 3.14
CA ARG A 31 41.23 -6.84 4.23
C ARG A 31 39.80 -6.91 3.71
N TYR A 32 38.92 -7.49 4.52
CA TYR A 32 37.54 -7.74 4.12
C TYR A 32 36.54 -6.75 4.71
N TYR A 33 35.60 -6.34 3.87
CA TYR A 33 34.57 -5.37 4.25
C TYR A 33 33.26 -5.75 3.58
N ALA A 34 32.17 -5.11 4.01
CA ALA A 34 30.89 -5.20 3.34
C ALA A 34 30.67 -3.94 2.53
N MET A 35 30.18 -4.08 1.30
CA MET A 35 29.86 -2.94 0.47
C MET A 35 28.37 -2.92 0.15
N LYS A 36 27.72 -1.78 0.38
CA LYS A 36 26.33 -1.58 0.02
C LYS A 36 26.33 -0.73 -1.23
N ILE A 37 25.71 -1.25 -2.29
CA ILE A 37 25.72 -0.59 -3.58
C ILE A 37 24.31 -0.23 -4.02
N LEU A 38 23.96 1.06 -3.85
CA LEU A 38 22.65 1.58 -4.24
C LEU A 38 22.73 2.23 -5.61
N ARG A 39 21.66 2.09 -6.40
CA ARG A 39 21.58 2.71 -7.72
C ARG A 39 20.92 4.09 -7.65
N LYS A 40 21.62 5.10 -8.16
CA LYS A 40 21.13 6.49 -8.14
C LYS A 40 19.79 6.64 -8.82
N GLU A 41 19.61 5.93 -9.93
CA GLU A 41 18.36 5.96 -10.70
C GLU A 41 17.14 5.65 -9.82
N VAL A 42 17.26 4.61 -8.99
CA VAL A 42 16.19 4.21 -8.08
C VAL A 42 16.01 5.22 -6.94
N ILE A 43 17.11 5.75 -6.42
CA ILE A 43 17.04 6.73 -5.32
C ILE A 43 16.37 8.03 -5.77
N ILE A 44 16.78 8.55 -6.92
CA ILE A 44 16.17 9.75 -7.50
C ILE A 44 14.69 9.50 -7.82
N ALA A 45 14.38 8.31 -8.32
CA ALA A 45 13.01 7.92 -8.63
C ALA A 45 12.11 7.99 -7.40
N LYS A 46 12.55 7.38 -6.30
CA LYS A 46 11.77 7.35 -5.05
C LYS A 46 11.94 8.61 -4.19
N ASP A 47 12.70 9.58 -4.70
CA ASP A 47 12.98 10.85 -4.00
C ASP A 47 13.58 10.64 -2.62
N GLU A 48 14.59 9.78 -2.54
CA GLU A 48 15.24 9.43 -1.29
C GLU A 48 16.68 9.97 -1.20
N VAL A 49 16.93 11.10 -1.84
CA VAL A 49 18.28 11.68 -1.89
C VAL A 49 18.72 12.15 -0.52
N ALA A 50 17.90 12.97 0.12
CA ALA A 50 18.21 13.52 1.44
C ALA A 50 18.50 12.40 2.45
N HIS A 51 17.61 11.42 2.51
CA HIS A 51 17.80 10.25 3.37
C HIS A 51 19.13 9.53 3.09
N THR A 52 19.46 9.32 1.82
CA THR A 52 20.69 8.62 1.46
C THR A 52 21.94 9.41 1.83
N VAL A 53 21.89 10.73 1.69
CA VAL A 53 23.01 11.60 2.06
C VAL A 53 23.13 11.66 3.60
N THR A 54 21.98 11.72 4.27
CA THR A 54 21.92 11.68 5.74
C THR A 54 22.65 10.45 6.29
N GLU A 55 22.42 9.31 5.65
CA GLU A 55 23.06 8.04 6.03
C GLU A 55 24.58 8.14 6.06
N SER A 56 25.16 8.77 5.05
CA SER A 56 26.62 8.95 5.02
C SER A 56 27.04 9.91 6.12
N ARG A 57 26.42 11.08 6.12
CA ARG A 57 26.83 12.18 7.00
C ARG A 57 26.80 11.81 8.48
N VAL A 58 25.77 11.07 8.89
CA VAL A 58 25.68 10.59 10.27
C VAL A 58 26.83 9.63 10.58
N LEU A 59 27.09 8.70 9.67
CA LEU A 59 28.18 7.73 9.86
C LEU A 59 29.57 8.39 9.90
N GLN A 60 29.72 9.51 9.19
CA GLN A 60 31.00 10.21 9.09
C GLN A 60 31.51 10.76 10.43
N ASN A 61 30.62 10.98 11.40
CA ASN A 61 31.02 11.57 12.68
C ASN A 61 30.75 10.71 13.92
N THR A 62 29.80 9.79 13.84
CA THR A 62 29.49 8.90 14.94
C THR A 62 30.60 7.89 15.18
N ARG A 63 30.91 7.65 16.45
CA ARG A 63 31.85 6.60 16.83
C ARG A 63 31.34 5.92 18.10
N HIS A 64 31.06 4.63 18.01
CA HIS A 64 30.49 3.89 19.11
C HIS A 64 30.66 2.40 18.86
N PRO A 65 30.96 1.62 19.92
CA PRO A 65 31.22 0.19 19.73
C PRO A 65 30.10 -0.59 19.03
N PHE A 66 28.85 -0.20 19.25
CA PHE A 66 27.70 -0.94 18.71
C PHE A 66 27.00 -0.25 17.51
N LEU A 67 27.70 0.69 16.87
CA LEU A 67 27.31 1.19 15.55
C LEU A 67 28.35 0.75 14.50
N THR A 68 27.87 0.36 13.32
CA THR A 68 28.73 -0.05 12.23
C THR A 68 29.60 1.12 11.76
N ALA A 69 30.92 0.91 11.72
CA ALA A 69 31.85 1.94 11.30
C ALA A 69 31.92 2.01 9.76
N LEU A 70 31.89 3.23 9.22
CA LEU A 70 31.98 3.45 7.77
C LEU A 70 33.42 3.71 7.38
N LYS A 71 34.00 2.84 6.56
CA LYS A 71 35.36 3.03 6.07
C LYS A 71 35.36 4.05 4.91
N TYR A 72 34.66 3.74 3.83
CA TYR A 72 34.53 4.65 2.68
C TYR A 72 33.07 4.93 2.33
N ALA A 73 32.83 6.15 1.90
CA ALA A 73 31.63 6.49 1.11
C ALA A 73 32.15 7.08 -0.19
N PHE A 74 31.67 6.59 -1.32
CA PHE A 74 32.07 7.12 -2.63
C PHE A 74 31.00 6.82 -3.67
N GLN A 75 31.22 7.26 -4.90
CA GLN A 75 30.20 7.12 -5.93
C GLN A 75 30.76 7.05 -7.35
N THR A 76 29.90 6.58 -8.25
CA THR A 76 30.16 6.58 -9.68
C THR A 76 29.10 7.45 -10.35
N HIS A 77 29.08 7.46 -11.68
CA HIS A 77 28.05 8.18 -12.43
C HIS A 77 26.62 7.65 -12.16
N ASP A 78 26.52 6.40 -11.73
CA ASP A 78 25.22 5.75 -11.55
C ASP A 78 25.02 4.97 -10.24
N ARG A 79 26.07 4.84 -9.42
CA ARG A 79 25.96 4.08 -8.16
C ARG A 79 26.47 4.86 -6.95
N LEU A 80 25.90 4.53 -5.79
CA LEU A 80 26.36 5.04 -4.50
C LEU A 80 26.90 3.85 -3.71
N CYS A 81 28.12 3.99 -3.17
CA CYS A 81 28.76 2.88 -2.47
C CYS A 81 29.18 3.20 -1.04
N PHE A 82 28.76 2.34 -0.11
CA PHE A 82 29.21 2.40 1.28
C PHE A 82 30.11 1.20 1.53
N VAL A 83 31.28 1.43 2.12
CA VAL A 83 32.17 0.35 2.53
C VAL A 83 32.27 0.35 4.05
N MET A 84 31.70 -0.68 4.68
CA MET A 84 31.69 -0.76 6.16
C MET A 84 32.31 -2.06 6.60
N GLU A 85 32.50 -2.18 7.91
CA GLU A 85 33.02 -3.40 8.50
C GLU A 85 32.01 -4.54 8.34
N TYR A 86 32.50 -5.67 7.85
CA TYR A 86 31.70 -6.90 7.68
C TYR A 86 31.33 -7.47 9.03
N ALA A 87 30.03 -7.52 9.33
CA ALA A 87 29.54 -8.16 10.54
C ALA A 87 29.40 -9.67 10.29
N ASN A 88 30.44 -10.42 10.66
CA ASN A 88 30.51 -11.87 10.37
C ASN A 88 29.35 -12.66 10.98
N GLY A 89 28.82 -12.17 12.10
CA GLY A 89 27.71 -12.83 12.78
C GLY A 89 26.36 -12.72 12.07
N GLY A 90 26.26 -11.83 11.09
CA GLY A 90 25.02 -11.66 10.35
C GLY A 90 23.98 -10.93 11.16
N GLU A 91 22.73 -11.00 10.73
CA GLU A 91 21.62 -10.29 11.37
C GLU A 91 21.00 -11.09 12.50
N LEU A 92 20.58 -10.39 13.55
CA LEU A 92 19.73 -10.98 14.59
C LEU A 92 18.50 -11.66 13.97
N PHE A 93 17.97 -11.07 12.89
CA PHE A 93 16.84 -11.66 12.17
C PHE A 93 17.12 -13.10 11.75
N PHE A 94 18.35 -13.36 11.29
CA PHE A 94 18.76 -14.71 10.91
C PHE A 94 18.72 -15.65 12.10
N HIS A 95 19.33 -15.22 13.20
CA HIS A 95 19.47 -16.06 14.38
C HIS A 95 18.14 -16.32 15.08
N LEU A 96 17.37 -15.26 15.30
CA LEU A 96 16.06 -15.40 15.94
C LEU A 96 15.13 -16.28 15.11
N SER A 97 15.21 -16.16 13.78
CA SER A 97 14.43 -17.02 12.89
C SER A 97 14.82 -18.49 13.06
N ARG A 98 16.12 -18.75 13.20
CA ARG A 98 16.64 -20.11 13.32
C ARG A 98 16.41 -20.69 14.73
N GLU A 99 16.55 -19.85 15.75
CA GLU A 99 16.41 -20.30 17.14
C GLU A 99 14.99 -20.11 17.70
N ARG A 100 14.17 -19.35 16.99
CA ARG A 100 12.76 -19.09 17.35
C ARG A 100 12.63 -18.08 18.49
N VAL A 101 13.41 -18.26 19.56
CA VAL A 101 13.30 -17.42 20.74
C VAL A 101 14.62 -17.40 21.50
N PHE A 102 14.93 -16.29 22.16
CA PHE A 102 16.11 -16.18 23.02
C PHE A 102 15.70 -16.22 24.48
N THR A 103 16.65 -16.58 25.34
CA THR A 103 16.42 -16.56 26.79
C THR A 103 16.43 -15.11 27.24
N GLU A 104 15.71 -14.80 28.31
CA GLU A 104 15.67 -13.44 28.84
C GLU A 104 17.07 -12.88 29.05
N GLU A 105 18.00 -13.74 29.47
CA GLU A 105 19.39 -13.34 29.70
C GLU A 105 20.03 -12.88 28.40
N ARG A 106 19.90 -13.70 27.36
CA ARG A 106 20.46 -13.37 26.06
C ARG A 106 19.86 -12.09 25.47
N ALA A 107 18.55 -11.94 25.64
CA ALA A 107 17.84 -10.73 25.23
C ALA A 107 18.37 -9.52 26.01
N ARG A 108 18.52 -9.68 27.31
CA ARG A 108 19.07 -8.62 28.17
C ARG A 108 20.43 -8.13 27.68
N PHE A 109 21.25 -9.06 27.18
CA PHE A 109 22.58 -8.72 26.68
C PHE A 109 22.49 -7.84 25.42
N TYR A 110 21.70 -8.28 24.43
CA TYR A 110 21.55 -7.51 23.20
C TYR A 110 20.84 -6.19 23.48
N GLY A 111 19.76 -6.23 24.26
CA GLY A 111 19.02 -5.03 24.63
C GLY A 111 19.90 -3.95 25.23
N ALA A 112 20.77 -4.34 26.16
CA ALA A 112 21.69 -3.42 26.83
C ALA A 112 22.61 -2.71 25.85
N GLU A 113 23.10 -3.45 24.86
CA GLU A 113 23.98 -2.86 23.85
C GLU A 113 23.21 -1.93 22.92
N ILE A 114 21.95 -2.26 22.63
CA ILE A 114 21.10 -1.40 21.80
C ILE A 114 20.73 -0.12 22.56
N VAL A 115 20.48 -0.24 23.85
CA VAL A 115 20.21 0.93 24.70
C VAL A 115 21.42 1.84 24.75
N SER A 116 22.62 1.24 24.87
CA SER A 116 23.87 2.00 24.85
C SER A 116 23.99 2.84 23.59
N ALA A 117 23.73 2.19 22.45
CA ALA A 117 23.79 2.85 21.15
C ALA A 117 22.73 3.94 21.01
N LEU A 118 21.51 3.65 21.45
CA LEU A 118 20.43 4.63 21.34
C LEU A 118 20.67 5.85 22.24
N GLU A 119 21.22 5.64 23.42
CA GLU A 119 21.62 6.76 24.29
C GLU A 119 22.63 7.64 23.59
N TYR A 120 23.63 7.02 22.97
CA TYR A 120 24.67 7.74 22.27
C TYR A 120 24.07 8.60 21.16
N LEU A 121 23.25 7.99 20.30
CA LEU A 121 22.64 8.70 19.18
C LEU A 121 21.74 9.85 19.64
N HIS A 122 20.90 9.58 20.63
CA HIS A 122 19.98 10.59 21.17
C HIS A 122 20.70 11.74 21.86
N SER A 123 21.85 11.47 22.47
CA SER A 123 22.69 12.51 23.05
C SER A 123 23.31 13.40 21.96
N ARG A 124 23.43 12.83 20.76
CA ARG A 124 23.95 13.54 19.59
C ARG A 124 22.82 14.20 18.76
N ASP A 125 21.62 14.26 19.34
CA ASP A 125 20.42 14.79 18.68
C ASP A 125 20.08 14.06 17.39
N VAL A 126 20.17 12.74 17.43
CA VAL A 126 19.86 11.90 16.28
C VAL A 126 18.85 10.82 16.69
N VAL A 127 17.73 10.77 15.97
CA VAL A 127 16.72 9.73 16.13
C VAL A 127 16.88 8.74 14.98
N TYR A 128 17.02 7.47 15.33
CA TYR A 128 17.36 6.42 14.35
C TYR A 128 16.15 6.01 13.49
N ARG A 129 15.00 5.84 14.14
CA ARG A 129 13.69 5.64 13.49
C ARG A 129 13.46 4.31 12.76
N ASP A 130 14.40 3.36 12.83
CA ASP A 130 14.23 2.08 12.15
C ASP A 130 14.88 0.90 12.89
N ILE A 131 14.73 0.86 14.21
CA ILE A 131 15.19 -0.29 14.98
C ILE A 131 14.39 -1.54 14.60
N LYS A 132 15.09 -2.55 14.10
CA LYS A 132 14.47 -3.84 13.81
C LYS A 132 15.52 -4.95 13.70
N LEU A 133 15.06 -6.20 13.67
CA LEU A 133 15.95 -7.36 13.65
C LEU A 133 16.87 -7.40 12.42
N GLU A 134 16.38 -6.90 11.30
CA GLU A 134 17.16 -6.85 10.06
CA GLU A 134 17.18 -6.86 10.07
C GLU A 134 18.33 -5.86 10.19
N ASN A 135 18.13 -4.78 10.94
CA ASN A 135 19.14 -3.73 11.09
C ASN A 135 20.03 -3.89 12.33
N LEU A 136 19.88 -5.02 13.03
CA LEU A 136 20.74 -5.33 14.16
C LEU A 136 21.60 -6.53 13.80
N MET A 137 22.88 -6.30 13.58
CA MET A 137 23.82 -7.35 13.19
C MET A 137 24.78 -7.67 14.32
N LEU A 138 25.54 -8.74 14.14
CA LEU A 138 26.52 -9.20 15.12
C LEU A 138 27.91 -9.26 14.51
N ASP A 139 28.91 -8.78 15.24
CA ASP A 139 30.31 -8.87 14.79
C ASP A 139 30.85 -10.25 15.13
N LYS A 140 32.08 -10.52 14.68
CA LYS A 140 32.70 -11.85 14.85
C LYS A 140 32.74 -12.33 16.31
N ASP A 141 32.75 -11.38 17.25
CA ASP A 141 32.77 -11.68 18.68
C ASP A 141 31.37 -11.94 19.24
N GLY A 142 30.34 -11.39 18.60
CA GLY A 142 28.96 -11.57 19.01
C GLY A 142 28.29 -10.32 19.57
N HIS A 143 28.90 -9.16 19.38
CA HIS A 143 28.35 -7.89 19.87
C HIS A 143 27.42 -7.25 18.83
N ILE A 144 26.45 -6.50 19.31
CA ILE A 144 25.49 -5.80 18.45
C ILE A 144 26.16 -4.76 17.56
N LYS A 145 25.72 -4.69 16.30
CA LYS A 145 26.14 -3.68 15.35
C LYS A 145 24.93 -3.16 14.60
N ILE A 146 24.45 -1.97 14.99
CA ILE A 146 23.32 -1.34 14.31
C ILE A 146 23.74 -0.93 12.90
N THR A 147 22.87 -1.20 11.93
CA THR A 147 23.16 -0.99 10.52
C THR A 147 22.03 -0.24 9.83
N ASP A 148 22.33 0.36 8.68
CA ASP A 148 21.36 1.12 7.88
C ASP A 148 20.87 2.36 8.63
N PHE A 149 21.50 3.50 8.34
CA PHE A 149 21.18 4.77 8.99
C PHE A 149 20.47 5.73 8.02
N GLY A 150 19.75 5.14 7.06
CA GLY A 150 19.10 5.91 6.01
C GLY A 150 17.73 6.46 6.34
N LEU A 151 17.29 6.32 7.59
CA LEU A 151 16.06 6.98 8.06
C LEU A 151 16.31 7.84 9.31
N CYS A 152 17.58 8.13 9.60
CA CYS A 152 17.94 9.01 10.71
C CYS A 152 17.56 10.46 10.45
N LYS A 153 17.04 11.12 11.47
CA LYS A 153 16.83 12.58 11.44
C LYS A 153 17.79 13.21 12.43
N GLU A 154 18.33 14.37 12.06
CA GLU A 154 19.27 15.10 12.91
C GLU A 154 18.63 16.35 13.49
N GLY A 155 19.29 16.93 14.48
CA GLY A 155 18.82 18.15 15.13
C GLY A 155 17.59 17.93 16.00
N ILE A 156 17.37 16.69 16.42
CA ILE A 156 16.21 16.33 17.25
C ILE A 156 16.68 16.10 18.69
N SER A 157 16.40 17.07 19.55
CA SER A 157 16.70 16.97 20.97
C SER A 157 15.40 16.86 21.76
N ASP A 158 15.51 16.71 23.08
CA ASP A 158 14.33 16.53 23.92
C ASP A 158 13.26 17.56 23.58
N GLY A 159 12.13 17.07 23.06
CA GLY A 159 10.99 17.92 22.72
C GLY A 159 10.79 18.13 21.23
N ALA A 160 11.88 18.15 20.48
CA ALA A 160 11.84 18.36 19.03
C ALA A 160 11.03 17.25 18.35
N THR A 161 10.50 17.56 17.17
CA THR A 161 9.56 16.66 16.50
C THR A 161 9.97 16.37 15.07
N MET A 162 9.29 15.40 14.46
CA MET A 162 9.56 14.96 13.08
C MET A 162 8.26 14.72 12.32
N LYS A 163 8.29 14.89 11.00
CA LYS A 163 7.08 14.84 10.18
C LYS A 163 7.05 13.74 9.11
N PHE A 165 6.56 10.34 7.48
CA PHE A 165 5.97 9.03 7.68
C PHE A 165 6.97 8.03 7.12
N CYS A 166 7.79 7.49 8.01
CA CYS A 166 8.84 6.56 7.64
C CYS A 166 9.12 5.55 8.75
N GLY A 167 9.82 4.47 8.39
CA GLY A 167 10.15 3.39 9.31
C GLY A 167 9.92 2.05 8.66
N THR A 168 9.55 1.05 9.45
CA THR A 168 9.09 -0.23 8.94
C THR A 168 7.70 -0.50 9.52
N PRO A 169 6.72 -0.86 8.67
CA PRO A 169 5.32 -0.99 9.10
C PRO A 169 5.14 -1.72 10.42
N GLU A 170 5.71 -2.90 10.54
CA GLU A 170 5.52 -3.75 11.72
C GLU A 170 6.09 -3.12 13.00
N TYR A 171 7.00 -2.15 12.83
CA TYR A 171 7.70 -1.51 13.96
C TYR A 171 7.27 -0.06 14.21
N LEU A 172 6.37 0.47 13.41
CA LEU A 172 5.96 1.86 13.56
C LEU A 172 5.28 2.07 14.91
N ALA A 173 5.68 3.11 15.63
CA ALA A 173 5.05 3.48 16.88
C ALA A 173 3.66 4.05 16.59
N PRO A 174 2.69 3.84 17.50
CA PRO A 174 1.32 4.27 17.26
C PRO A 174 1.12 5.77 16.96
N GLU A 175 1.94 6.64 17.55
CA GLU A 175 1.85 8.07 17.26
C GLU A 175 2.24 8.40 15.81
N VAL A 176 3.19 7.64 15.25
CA VAL A 176 3.57 7.77 13.85
C VAL A 176 2.37 7.46 12.94
N LEU A 177 1.46 6.62 13.43
CA LEU A 177 0.22 6.30 12.71
C LEU A 177 -0.87 7.36 12.91
N GLU A 178 -0.51 8.51 13.47
CA GLU A 178 -1.43 9.64 13.62
C GLU A 178 -0.96 10.82 12.79
N ASP A 179 -1.80 11.84 12.67
CA ASP A 179 -1.46 13.07 11.97
C ASP A 179 -0.43 13.89 12.73
N ASN A 180 0.09 14.91 12.05
CA ASN A 180 1.07 15.82 12.62
C ASN A 180 2.36 15.06 13.01
N ASP A 181 2.98 15.43 14.13
CA ASP A 181 4.37 15.04 14.37
C ASP A 181 4.58 14.20 15.62
N TYR A 182 5.76 13.58 15.67
CA TYR A 182 6.14 12.68 16.74
C TYR A 182 7.56 13.01 17.18
N GLY A 183 7.98 12.41 18.30
CA GLY A 183 9.29 12.70 18.89
C GLY A 183 10.22 11.50 18.89
N ARG A 184 11.33 11.65 19.60
CA ARG A 184 12.39 10.64 19.61
C ARG A 184 12.02 9.35 20.34
N ALA A 185 10.93 9.36 21.11
CA ALA A 185 10.48 8.18 21.83
C ALA A 185 10.18 7.00 20.91
N VAL A 186 9.94 7.28 19.62
CA VAL A 186 9.68 6.22 18.63
C VAL A 186 10.78 5.15 18.63
N ASP A 187 12.02 5.54 18.92
CA ASP A 187 13.13 4.59 19.02
C ASP A 187 12.94 3.58 20.14
N TRP A 188 12.41 4.01 21.28
CA TRP A 188 12.22 3.12 22.44
C TRP A 188 11.09 2.12 22.20
N TRP A 189 10.05 2.57 21.52
CA TRP A 189 9.03 1.67 21.00
C TRP A 189 9.67 0.59 20.11
N GLY A 190 10.57 1.03 19.24
CA GLY A 190 11.29 0.13 18.33
C GLY A 190 12.08 -0.92 19.07
N LEU A 191 12.83 -0.49 20.09
CA LEU A 191 13.51 -1.41 20.99
C LEU A 191 12.49 -2.38 21.59
N GLY A 192 11.37 -1.84 22.06
CA GLY A 192 10.29 -2.65 22.63
C GLY A 192 9.86 -3.80 21.74
N VAL A 193 9.67 -3.52 20.45
CA VAL A 193 9.24 -4.54 19.50
C VAL A 193 10.30 -5.65 19.34
N VAL A 194 11.57 -5.27 19.18
CA VAL A 194 12.64 -6.27 19.05
C VAL A 194 12.82 -7.08 20.35
N MET A 195 12.74 -6.42 21.50
CA MET A 195 12.81 -7.11 22.79
C MET A 195 11.66 -8.10 22.92
N TYR A 196 10.46 -7.66 22.55
CA TYR A 196 9.29 -8.54 22.57
C TYR A 196 9.51 -9.75 21.66
N GLU A 197 10.05 -9.49 20.47
CA GLU A 197 10.37 -10.56 19.53
C GLU A 197 11.41 -11.53 20.07
N MET A 198 12.44 -11.01 20.73
CA MET A 198 13.53 -11.84 21.25
C MET A 198 13.07 -12.77 22.37
N MET A 199 12.15 -12.29 23.21
CA MET A 199 11.68 -13.07 24.35
C MET A 199 10.36 -13.82 24.09
N CYS A 200 9.50 -13.29 23.20
CA CYS A 200 8.21 -13.92 22.89
C CYS A 200 8.14 -14.65 21.56
N GLY A 201 9.16 -14.53 20.74
CA GLY A 201 9.26 -15.32 19.50
C GLY A 201 8.29 -14.92 18.40
N ARG A 202 7.69 -13.74 18.52
CA ARG A 202 6.86 -13.18 17.45
C ARG A 202 6.76 -11.68 17.64
N LEU A 203 6.33 -10.98 16.61
CA LEU A 203 6.01 -9.57 16.74
C LEU A 203 4.84 -9.42 17.70
N PRO A 204 4.75 -8.28 18.40
CA PRO A 204 3.61 -8.02 19.28
C PRO A 204 2.31 -7.86 18.51
N PHE A 205 2.41 -7.36 17.27
CA PHE A 205 1.29 -7.24 16.35
C PHE A 205 1.75 -7.71 14.98
N TYR A 206 0.88 -8.41 14.26
CA TYR A 206 1.17 -8.74 12.86
C TYR A 206 -0.08 -8.98 12.01
N ASN A 207 -0.03 -8.47 10.79
CA ASN A 207 -0.96 -8.81 9.72
C ASN A 207 -0.31 -8.34 8.42
N GLN A 208 -0.41 -9.13 7.35
CA GLN A 208 0.22 -8.73 6.09
C GLN A 208 -0.50 -7.54 5.43
N ASP A 209 -1.76 -7.35 5.80
CA ASP A 209 -2.51 -6.14 5.43
C ASP A 209 -2.11 -5.00 6.39
N HIS A 210 -1.41 -3.99 5.86
CA HIS A 210 -0.97 -2.85 6.68
C HIS A 210 -2.14 -2.14 7.36
N GLU A 211 -3.26 -1.98 6.65
CA GLU A 211 -4.45 -1.39 7.23
C GLU A 211 -4.86 -2.12 8.52
N ARG A 212 -4.83 -3.45 8.49
CA ARG A 212 -5.15 -4.27 9.66
C ARG A 212 -4.05 -4.17 10.72
N LEU A 213 -2.79 -4.14 10.27
CA LEU A 213 -1.62 -4.06 11.16
C LEU A 213 -1.56 -2.74 11.91
N PHE A 214 -1.80 -1.64 11.21
CA PHE A 214 -1.80 -0.31 11.81
C PHE A 214 -2.94 -0.14 12.80
N GLU A 215 -4.06 -0.81 12.58
CA GLU A 215 -5.14 -0.82 13.55
C GLU A 215 -4.70 -1.57 14.82
N LEU A 216 -4.03 -2.71 14.65
CA LEU A 216 -3.54 -3.48 15.80
C LEU A 216 -2.59 -2.66 16.67
N ILE A 217 -1.63 -1.98 16.02
CA ILE A 217 -0.64 -1.15 16.72
C ILE A 217 -1.31 -0.07 17.60
N LEU A 218 -2.33 0.58 17.05
CA LEU A 218 -3.03 1.67 17.75
C LEU A 218 -4.02 1.19 18.81
N MET A 219 -4.67 0.05 18.56
CA MET A 219 -5.86 -0.36 19.32
C MET A 219 -5.64 -1.61 20.20
N GLU A 220 -4.90 -2.58 19.67
CA GLU A 220 -4.78 -3.89 20.31
C GLU A 220 -3.80 -3.86 21.48
N GLU A 221 -4.11 -4.62 22.53
CA GLU A 221 -3.23 -4.76 23.70
C GLU A 221 -2.25 -5.89 23.47
N ILE A 222 -1.05 -5.74 23.99
CA ILE A 222 -0.04 -6.79 23.85
C ILE A 222 -0.33 -7.90 24.86
N ARG A 223 -0.04 -9.13 24.44
CA ARG A 223 -0.15 -10.30 25.31
C ARG A 223 1.25 -10.77 25.65
N PHE A 224 1.39 -11.52 26.74
CA PHE A 224 2.68 -12.06 27.18
C PHE A 224 2.55 -13.55 27.50
N PRO A 225 3.57 -14.34 27.16
CA PRO A 225 3.60 -15.71 27.68
C PRO A 225 3.53 -15.71 29.21
N ARG A 226 2.77 -16.64 29.78
CA ARG A 226 2.60 -16.74 31.23
C ARG A 226 3.93 -16.87 31.96
N THR A 227 4.85 -17.62 31.36
CA THR A 227 6.15 -17.91 31.95
C THR A 227 7.07 -16.69 31.99
N LEU A 228 6.81 -15.70 31.14
CA LEU A 228 7.66 -14.51 31.05
C LEU A 228 7.73 -13.83 32.41
N SER A 229 8.93 -13.40 32.80
CA SER A 229 9.15 -12.85 34.14
C SER A 229 8.40 -11.53 34.33
N PRO A 230 8.05 -11.20 35.58
CA PRO A 230 7.37 -9.92 35.86
C PRO A 230 8.15 -8.69 35.39
N GLU A 231 9.46 -8.66 35.61
CA GLU A 231 10.31 -7.57 35.11
C GLU A 231 10.31 -7.49 33.58
N ALA A 232 10.43 -8.64 32.91
CA ALA A 232 10.37 -8.69 31.45
C ALA A 232 9.05 -8.10 30.96
N LYS A 233 7.95 -8.55 31.55
CA LYS A 233 6.62 -8.01 31.25
C LYS A 233 6.57 -6.50 31.47
N SER A 234 7.15 -6.04 32.56
CA SER A 234 7.14 -4.62 32.90
C SER A 234 7.91 -3.79 31.87
N LEU A 235 9.05 -4.30 31.42
CA LEU A 235 9.86 -3.59 30.43
C LEU A 235 9.10 -3.45 29.12
N LEU A 236 8.62 -4.58 28.59
CA LEU A 236 7.88 -4.58 27.33
C LEU A 236 6.62 -3.69 27.43
N ALA A 237 5.93 -3.76 28.58
CA ALA A 237 4.77 -2.91 28.83
C ALA A 237 5.13 -1.43 28.78
N GLY A 238 6.31 -1.10 29.31
CA GLY A 238 6.81 0.26 29.33
C GLY A 238 7.30 0.73 27.98
N LEU A 239 8.08 -0.12 27.31
CA LEU A 239 8.62 0.23 26.00
C LEU A 239 7.50 0.33 24.97
N LEU A 240 6.52 -0.58 25.08
CA LEU A 240 5.37 -0.60 24.17
C LEU A 240 4.15 0.14 24.74
N LYS A 241 4.39 1.18 25.52
CA LYS A 241 3.32 2.07 25.94
C LYS A 241 2.90 2.87 24.72
N LYS A 242 1.63 2.76 24.34
CA LYS A 242 1.14 3.45 23.14
C LYS A 242 1.29 4.97 23.25
N ASP A 243 1.07 5.50 24.45
CA ASP A 243 1.30 6.93 24.72
C ASP A 243 2.80 7.17 24.90
N PRO A 244 3.41 7.95 24.00
CA PRO A 244 4.85 8.20 24.10
C PRO A 244 5.25 9.06 25.30
N LYS A 245 4.34 9.88 25.82
CA LYS A 245 4.63 10.69 27.00
C LYS A 245 4.83 9.83 28.24
N GLN A 246 4.14 8.69 28.30
CA GLN A 246 4.22 7.77 29.42
C GLN A 246 5.02 6.50 29.07
N ARG A 247 5.69 6.52 27.92
CA ARG A 247 6.51 5.41 27.49
C ARG A 247 7.87 5.46 28.18
N LEU A 248 8.42 4.28 28.44
CA LEU A 248 9.71 4.16 29.11
C LEU A 248 10.80 4.74 28.20
N GLY A 249 11.51 5.74 28.70
CA GLY A 249 12.50 6.45 27.91
C GLY A 249 11.97 7.68 27.19
N GLY A 250 10.66 7.91 27.27
CA GLY A 250 10.01 9.04 26.61
C GLY A 250 10.06 10.34 27.41
N GLY A 251 10.48 10.25 28.67
CA GLY A 251 10.66 11.45 29.50
C GLY A 251 11.91 12.20 29.10
N PRO A 252 12.28 13.24 29.88
CA PRO A 252 13.46 14.04 29.56
C PRO A 252 14.79 13.31 29.78
N SER A 253 14.79 12.31 30.66
CA SER A 253 16.01 11.55 30.95
C SER A 253 16.38 10.55 29.84
N ASP A 254 15.47 10.36 28.87
CA ASP A 254 15.74 9.52 27.70
C ASP A 254 16.11 8.08 28.11
N ALA A 255 17.35 7.66 27.84
CA ALA A 255 17.76 6.27 28.05
C ALA A 255 17.97 5.91 29.52
N LYS A 256 18.13 6.91 30.38
CA LYS A 256 18.32 6.67 31.82
C LYS A 256 17.11 6.00 32.44
N GLU A 257 15.92 6.28 31.91
CA GLU A 257 14.70 5.59 32.35
C GLU A 257 14.79 4.10 32.06
N VAL A 258 15.16 3.78 30.82
CA VAL A 258 15.29 2.39 30.38
C VAL A 258 16.40 1.69 31.13
N MET A 259 17.53 2.38 31.28
CA MET A 259 18.70 1.82 31.94
C MET A 259 18.41 1.51 33.41
N GLU A 260 17.68 2.40 34.08
CA GLU A 260 17.31 2.22 35.49
C GLU A 260 16.14 1.25 35.71
N HIS A 261 15.54 0.73 34.64
CA HIS A 261 14.45 -0.23 34.77
C HIS A 261 14.96 -1.53 35.38
N ARG A 262 14.11 -2.16 36.21
CA ARG A 262 14.52 -3.34 37.00
C ARG A 262 14.87 -4.57 36.16
N PHE A 263 14.46 -4.60 34.89
CA PHE A 263 14.86 -5.68 33.98
C PHE A 263 16.38 -5.69 33.79
N PHE A 264 17.02 -4.53 33.90
CA PHE A 264 18.47 -4.43 33.76
C PHE A 264 19.15 -4.21 35.12
N LEU A 265 18.55 -4.76 36.18
CA LEU A 265 19.11 -4.68 37.52
C LEU A 265 20.55 -5.20 37.60
N SER A 266 20.82 -6.30 36.91
CA SER A 266 22.14 -6.92 36.91
C SER A 266 23.16 -6.23 36.01
N ILE A 267 22.70 -5.34 35.13
CA ILE A 267 23.59 -4.69 34.17
C ILE A 267 24.30 -3.47 34.76
N ASN A 268 25.62 -3.43 34.56
CA ASN A 268 26.43 -2.23 34.76
C ASN A 268 26.68 -1.60 33.39
N TRP A 269 26.19 -0.38 33.21
CA TRP A 269 26.12 0.24 31.88
C TRP A 269 27.45 0.72 31.34
N GLN A 270 28.42 0.90 32.23
CA GLN A 270 29.77 1.26 31.83
C GLN A 270 30.57 0.03 31.42
N ASP A 271 30.21 -1.13 31.97
CA ASP A 271 30.76 -2.39 31.49
C ASP A 271 30.24 -2.70 30.09
N VAL A 272 28.98 -2.33 29.84
CA VAL A 272 28.36 -2.54 28.53
C VAL A 272 29.13 -1.84 27.42
N VAL A 273 29.25 -0.52 27.55
CA VAL A 273 29.91 0.32 26.53
C VAL A 273 31.42 0.07 26.44
N GLN A 274 32.04 -0.39 27.52
CA GLN A 274 33.46 -0.75 27.50
C GLN A 274 33.70 -2.16 26.95
N LYS A 275 32.64 -2.84 26.49
CA LYS A 275 32.73 -4.19 25.91
C LYS A 275 33.23 -5.25 26.90
N LYS A 276 33.07 -5.00 28.19
CA LYS A 276 33.53 -5.91 29.23
C LYS A 276 32.55 -7.06 29.46
N LEU A 277 31.34 -6.96 28.93
CA LEU A 277 30.36 -8.04 29.02
C LEU A 277 30.63 -9.13 27.98
N LEU A 278 30.52 -10.39 28.42
CA LEU A 278 30.77 -11.55 27.56
C LEU A 278 29.51 -11.92 26.77
N PRO A 279 29.60 -11.95 25.43
CA PRO A 279 28.47 -12.42 24.62
C PRO A 279 28.03 -13.84 25.00
N PRO A 280 26.71 -14.07 25.06
CA PRO A 280 26.23 -15.43 25.30
C PRO A 280 26.41 -16.36 24.09
N PHE A 281 26.49 -15.79 22.89
CA PHE A 281 26.67 -16.54 21.65
C PHE A 281 27.82 -15.97 20.83
N LYS A 282 28.84 -16.79 20.55
CA LYS A 282 29.98 -16.37 19.72
C LYS A 282 29.89 -16.99 18.32
N PRO A 283 29.73 -16.17 17.28
CA PRO A 283 29.68 -16.67 15.90
C PRO A 283 30.79 -17.68 15.63
N GLN A 284 30.42 -18.84 15.09
CA GLN A 284 31.36 -19.92 14.83
C GLN A 284 31.97 -19.83 13.43
N VAL A 285 32.37 -18.63 13.02
CA VAL A 285 32.95 -18.43 11.70
C VAL A 285 34.38 -18.96 11.68
N THR A 286 34.70 -19.77 10.67
CA THR A 286 35.99 -20.45 10.58
C THR A 286 37.04 -19.65 9.80
N SER A 287 36.59 -18.84 8.84
CA SER A 287 37.48 -17.97 8.06
C SER A 287 36.88 -16.56 7.93
N GLU A 288 37.62 -15.65 7.29
CA GLU A 288 37.16 -14.28 7.08
C GLU A 288 36.11 -14.17 5.97
N VAL A 289 36.17 -15.09 5.00
CA VAL A 289 35.22 -15.12 3.88
C VAL A 289 33.99 -16.00 4.18
N ASP A 290 33.85 -16.42 5.44
CA ASP A 290 32.77 -17.29 5.89
C ASP A 290 31.45 -16.51 5.96
N THR A 291 30.41 -17.04 5.31
CA THR A 291 29.10 -16.39 5.25
C THR A 291 27.98 -17.33 5.70
N ARG A 292 28.26 -18.12 6.74
CA ARG A 292 27.31 -19.11 7.25
C ARG A 292 26.07 -18.48 7.87
N TYR A 293 26.24 -17.31 8.51
CA TYR A 293 25.14 -16.60 9.17
C TYR A 293 24.43 -15.61 8.22
N PHE A 294 24.46 -15.93 6.93
CA PHE A 294 23.65 -15.24 5.93
C PHE A 294 22.90 -16.30 5.13
N ASP A 295 21.84 -15.88 4.46
CA ASP A 295 20.95 -16.80 3.76
C ASP A 295 21.52 -17.31 2.45
N ASP A 296 21.27 -18.58 2.16
CA ASP A 296 21.57 -19.16 0.84
C ASP A 296 20.86 -18.40 -0.28
N GLU A 297 19.67 -17.90 0.03
CA GLU A 297 18.89 -17.06 -0.89
C GLU A 297 19.76 -16.03 -1.61
N PHE A 298 20.70 -15.42 -0.88
CA PHE A 298 21.57 -14.38 -1.42
C PHE A 298 22.95 -14.90 -1.80
N THR A 299 23.58 -15.66 -0.89
CA THR A 299 24.97 -16.09 -1.08
C THR A 299 25.18 -17.07 -2.23
N ALA A 300 24.12 -17.73 -2.67
CA ALA A 300 24.21 -18.65 -3.82
C ALA A 300 24.28 -17.92 -5.17
N GLN A 301 23.83 -16.67 -5.20
CA GLN A 301 23.72 -15.91 -6.45
C GLN A 301 25.09 -15.49 -7.00
N SER A 302 25.16 -15.32 -8.32
CA SER A 302 26.32 -14.75 -8.97
C SER A 302 26.31 -13.23 -8.78
N ILE A 303 27.32 -12.55 -9.30
CA ILE A 303 27.52 -11.13 -9.01
C ILE A 303 27.69 -10.27 -10.28
N THR A 323 26.13 14.44 -12.28
CA THR A 323 25.10 13.64 -11.60
C THR A 323 25.60 13.25 -10.20
N HIS A 324 26.10 14.26 -9.50
CA HIS A 324 26.92 14.08 -8.30
C HIS A 324 26.11 14.34 -7.03
N PHE A 325 26.32 13.49 -6.03
CA PHE A 325 25.66 13.64 -4.72
C PHE A 325 26.63 14.33 -3.75
N PRO A 326 26.29 15.56 -3.30
CA PRO A 326 27.18 16.28 -2.38
C PRO A 326 27.09 15.75 -0.94
N GLN A 327 28.13 16.00 -0.15
CA GLN A 327 28.21 15.53 1.25
C GLN A 327 28.40 13.99 1.38
N PHE A 328 28.84 13.36 0.30
CA PHE A 328 29.12 11.92 0.26
C PHE A 328 30.66 11.80 0.22
N ASP A 329 31.20 10.85 -0.52
CA ASP A 329 32.63 10.78 -0.85
C ASP A 329 33.56 10.98 0.37
N TYR A 330 33.34 10.17 1.40
CA TYR A 330 34.08 10.26 2.66
C TYR A 330 35.10 9.14 2.79
N SER A 331 36.15 9.37 3.58
CA SER A 331 37.15 8.35 3.92
C SER A 331 37.55 8.42 5.40
N ALA A 332 37.64 7.27 6.05
CA ALA A 332 37.98 7.21 7.47
C ALA A 332 39.44 7.57 7.75
N SER A 333 40.32 7.36 6.77
CA SER A 333 41.73 7.75 6.89
C SER A 333 41.94 9.25 6.79
N ILE A 334 41.05 9.95 6.08
CA ILE A 334 41.18 11.39 5.81
C ILE A 334 40.38 12.23 6.81
N ARG A 335 39.20 11.77 7.18
CA ARG A 335 38.41 12.38 8.27
C ARG A 335 37.83 11.30 9.18
N LYS B 1 8.34 8.48 -1.64
CA LYS B 1 7.54 8.49 -2.89
C LYS B 1 7.45 7.08 -3.50
N VAL B 2 6.28 6.75 -4.05
CA VAL B 2 6.01 5.41 -4.60
C VAL B 2 6.31 5.37 -6.10
N THR B 3 6.84 4.24 -6.55
CA THR B 3 7.31 4.11 -7.94
C THR B 3 6.83 2.82 -8.58
N MET B 4 7.19 2.64 -9.85
CA MET B 4 6.74 1.52 -10.67
C MET B 4 7.27 0.18 -10.16
N ASN B 5 8.58 0.11 -9.93
CA ASN B 5 9.22 -1.15 -9.55
C ASN B 5 9.09 -1.52 -8.07
N ASP B 6 8.05 -1.00 -7.40
CA ASP B 6 7.65 -1.49 -6.08
C ASP B 6 6.70 -2.69 -6.22
N PHE B 7 6.29 -3.00 -7.45
CA PHE B 7 5.34 -4.05 -7.74
C PHE B 7 5.89 -5.09 -8.72
N ASP B 8 5.44 -6.34 -8.58
CA ASP B 8 5.63 -7.36 -9.59
C ASP B 8 4.41 -7.30 -10.51
N TYR B 9 4.62 -7.49 -11.80
CA TYR B 9 3.53 -7.39 -12.79
C TYR B 9 3.24 -8.77 -13.36
N LEU B 10 2.05 -9.28 -13.07
CA LEU B 10 1.75 -10.70 -13.23
C LEU B 10 0.93 -11.06 -14.46
N LYS B 11 -0.21 -10.39 -14.64
CA LYS B 11 -1.11 -10.65 -15.77
C LYS B 11 -1.86 -9.39 -16.20
N LEU B 12 -2.11 -9.27 -17.50
CA LEU B 12 -2.92 -8.19 -18.04
C LEU B 12 -4.39 -8.53 -17.82
N LEU B 13 -5.12 -7.67 -17.12
CA LEU B 13 -6.55 -7.88 -16.84
C LEU B 13 -7.43 -7.16 -17.85
N GLY B 14 -6.94 -6.05 -18.37
CA GLY B 14 -7.68 -5.28 -19.37
C GLY B 14 -6.78 -4.32 -20.11
N LYS B 15 -7.14 -4.04 -21.36
CA LYS B 15 -6.41 -3.10 -22.18
C LYS B 15 -7.40 -2.33 -23.05
N GLY B 16 -7.23 -1.02 -23.09
CA GLY B 16 -8.05 -0.14 -23.92
C GLY B 16 -7.22 0.96 -24.55
N THR B 17 -7.90 1.95 -25.13
CA THR B 17 -7.24 3.06 -25.81
C THR B 17 -6.62 4.05 -24.81
N PHE B 18 -7.25 4.22 -23.65
CA PHE B 18 -6.72 5.11 -22.60
C PHE B 18 -5.47 4.53 -21.93
N GLY B 19 -5.46 3.22 -21.71
CA GLY B 19 -4.32 2.56 -21.07
C GLY B 19 -4.51 1.05 -20.90
N LYS B 20 -4.08 0.53 -19.75
CA LYS B 20 -4.20 -0.89 -19.45
C LYS B 20 -4.29 -1.15 -17.95
N VAL B 21 -4.88 -2.28 -17.58
CA VAL B 21 -5.00 -2.69 -16.17
C VAL B 21 -4.28 -4.02 -15.96
N ILE B 22 -3.52 -4.13 -14.87
CA ILE B 22 -2.66 -5.29 -14.63
C ILE B 22 -2.75 -5.82 -13.20
N LEU B 23 -2.82 -7.15 -13.07
CA LEU B 23 -2.74 -7.80 -11.76
C LEU B 23 -1.29 -7.68 -11.26
N VAL B 24 -1.11 -7.05 -10.09
CA VAL B 24 0.23 -6.84 -9.55
C VAL B 24 0.34 -7.33 -8.11
N ARG B 25 1.56 -7.68 -7.70
CA ARG B 25 1.86 -8.03 -6.31
C ARG B 25 2.72 -6.91 -5.73
N GLU B 26 2.32 -6.40 -4.57
CA GLU B 26 3.12 -5.42 -3.85
C GLU B 26 4.29 -6.13 -3.19
N LYS B 27 5.51 -5.84 -3.66
CA LYS B 27 6.72 -6.53 -3.19
C LYS B 27 6.88 -6.42 -1.67
N ALA B 28 6.57 -5.24 -1.13
CA ALA B 28 6.80 -4.93 0.29
C ALA B 28 5.92 -5.72 1.26
N THR B 29 4.72 -6.10 0.80
CA THR B 29 3.78 -6.87 1.64
C THR B 29 3.44 -8.25 1.09
N GLY B 30 3.72 -8.49 -0.20
CA GLY B 30 3.32 -9.73 -0.87
C GLY B 30 1.84 -9.81 -1.19
N ARG B 31 1.12 -8.70 -1.03
CA ARG B 31 -0.33 -8.68 -1.28
C ARG B 31 -0.65 -8.29 -2.72
N TYR B 32 -1.82 -8.72 -3.18
CA TYR B 32 -2.21 -8.54 -4.58
C TYR B 32 -3.21 -7.41 -4.78
N TYR B 33 -3.00 -6.67 -5.85
CA TYR B 33 -3.83 -5.52 -6.20
C TYR B 33 -3.97 -5.44 -7.72
N ALA B 34 -4.90 -4.60 -8.17
CA ALA B 34 -5.01 -4.26 -9.58
C ALA B 34 -4.40 -2.88 -9.80
N MET B 35 -3.63 -2.73 -10.87
CA MET B 35 -3.06 -1.44 -11.23
C MET B 35 -3.58 -0.99 -12.59
N LYS B 36 -4.08 0.24 -12.65
CA LYS B 36 -4.50 0.83 -13.90
C LYS B 36 -3.42 1.82 -14.31
N ILE B 37 -2.86 1.63 -15.49
CA ILE B 37 -1.73 2.42 -15.96
C ILE B 37 -2.12 3.20 -17.20
N LEU B 38 -2.40 4.49 -17.03
CA LEU B 38 -2.76 5.38 -18.14
C LEU B 38 -1.54 6.16 -18.59
N ARG B 39 -1.44 6.41 -19.88
CA ARG B 39 -0.34 7.20 -20.45
C ARG B 39 -0.70 8.68 -20.56
N LYS B 40 0.14 9.53 -19.96
CA LYS B 40 -0.09 10.98 -19.92
C LYS B 40 -0.23 11.57 -21.32
N GLU B 41 0.59 11.10 -22.24
CA GLU B 41 0.57 11.56 -23.63
C GLU B 41 -0.83 11.47 -24.24
N VAL B 42 -1.49 10.34 -24.03
CA VAL B 42 -2.85 10.10 -24.54
C VAL B 42 -3.89 10.97 -23.80
N ILE B 43 -3.73 11.12 -22.50
CA ILE B 43 -4.66 11.94 -21.71
C ILE B 43 -4.60 13.42 -22.09
N ILE B 44 -3.38 13.96 -22.20
CA ILE B 44 -3.19 15.34 -22.65
C ILE B 44 -3.70 15.54 -24.08
N ALA B 45 -3.48 14.54 -24.92
CA ALA B 45 -3.95 14.57 -26.30
C ALA B 45 -5.48 14.71 -26.38
N LYS B 46 -6.19 13.86 -25.63
CA LYS B 46 -7.66 13.88 -25.63
C LYS B 46 -8.26 14.92 -24.68
N ASP B 47 -7.40 15.72 -24.05
CA ASP B 47 -7.81 16.77 -23.10
C ASP B 47 -8.68 16.22 -21.95
N GLU B 48 -8.22 15.13 -21.35
CA GLU B 48 -8.94 14.45 -20.28
C GLU B 48 -8.24 14.58 -18.93
N VAL B 49 -7.53 15.69 -18.72
CA VAL B 49 -6.75 15.89 -17.50
C VAL B 49 -7.66 16.04 -16.29
N ALA B 50 -8.63 16.95 -16.39
CA ALA B 50 -9.57 17.23 -15.30
C ALA B 50 -10.29 15.95 -14.87
N HIS B 51 -10.85 15.24 -15.84
CA HIS B 51 -11.52 13.96 -15.58
C HIS B 51 -10.61 12.96 -14.87
N THR B 52 -9.36 12.84 -15.33
CA THR B 52 -8.41 11.89 -14.73
C THR B 52 -8.04 12.27 -13.29
N VAL B 53 -7.90 13.55 -13.02
CA VAL B 53 -7.60 14.02 -11.67
C VAL B 53 -8.83 13.86 -10.77
N THR B 54 -10.01 14.15 -11.32
CA THR B 54 -11.28 13.93 -10.63
C THR B 54 -11.41 12.49 -10.11
N GLU B 55 -11.03 11.54 -10.97
CA GLU B 55 -11.05 10.11 -10.63
C GLU B 55 -10.26 9.80 -9.37
N SER B 56 -9.07 10.37 -9.24
CA SER B 56 -8.27 10.17 -8.04
C SER B 56 -8.94 10.84 -6.84
N ARG B 57 -9.25 12.12 -6.99
CA ARG B 57 -9.76 12.94 -5.88
C ARG B 57 -11.04 12.40 -5.25
N VAL B 58 -11.96 11.92 -6.08
CA VAL B 58 -13.18 11.30 -5.58
C VAL B 58 -12.85 10.05 -4.77
N LEU B 59 -11.97 9.19 -5.32
CA LEU B 59 -11.58 7.96 -4.63
C LEU B 59 -10.85 8.21 -3.31
N GLN B 60 -10.14 9.34 -3.22
CA GLN B 60 -9.37 9.69 -2.02
C GLN B 60 -10.21 9.90 -0.76
N ASN B 61 -11.50 10.21 -0.92
CA ASN B 61 -12.36 10.51 0.24
C ASN B 61 -13.58 9.60 0.41
N THR B 62 -14.04 8.98 -0.68
CA THR B 62 -15.17 8.04 -0.63
C THR B 62 -14.78 6.76 0.11
N ARG B 63 -15.71 6.28 0.94
CA ARG B 63 -15.57 4.98 1.58
C ARG B 63 -16.94 4.31 1.64
N HIS B 64 -17.05 3.17 0.99
CA HIS B 64 -18.32 2.46 0.88
C HIS B 64 -18.06 1.02 0.43
N PRO B 65 -18.80 0.06 1.01
CA PRO B 65 -18.55 -1.35 0.69
C PRO B 65 -18.59 -1.71 -0.80
N PHE B 66 -19.42 -1.03 -1.58
CA PHE B 66 -19.59 -1.36 -3.00
C PHE B 66 -18.92 -0.36 -3.98
N LEU B 67 -17.98 0.43 -3.47
CA LEU B 67 -17.07 1.20 -4.31
C LEU B 67 -15.64 0.65 -4.14
N THR B 68 -14.91 0.55 -5.24
CA THR B 68 -13.53 0.06 -5.23
C THR B 68 -12.64 1.02 -4.43
N ALA B 69 -11.92 0.48 -3.46
CA ALA B 69 -11.03 1.27 -2.62
C ALA B 69 -9.69 1.51 -3.32
N LEU B 70 -9.21 2.75 -3.28
CA LEU B 70 -7.93 3.13 -3.88
C LEU B 70 -6.82 3.06 -2.84
N LYS B 71 -5.85 2.18 -3.06
CA LYS B 71 -4.69 2.07 -2.16
C LYS B 71 -3.69 3.19 -2.46
N TYR B 72 -3.15 3.22 -3.68
CA TYR B 72 -2.22 4.28 -4.11
C TYR B 72 -2.68 4.97 -5.39
N ALA B 73 -2.41 6.28 -5.44
CA ALA B 73 -2.38 7.01 -6.71
C ALA B 73 -0.99 7.62 -6.78
N PHE B 74 -0.30 7.41 -7.90
CA PHE B 74 1.03 7.98 -8.10
C PHE B 74 1.36 8.12 -9.59
N GLN B 75 2.53 8.64 -9.91
CA GLN B 75 2.86 8.92 -11.30
C GLN B 75 4.35 8.88 -11.60
N THR B 76 4.64 8.78 -12.90
CA THR B 76 5.99 8.91 -13.42
C THR B 76 6.02 10.11 -14.36
N HIS B 77 7.13 10.30 -15.06
CA HIS B 77 7.24 11.36 -16.08
C HIS B 77 6.25 11.19 -17.23
N ASP B 78 5.79 9.96 -17.46
CA ASP B 78 4.92 9.66 -18.62
C ASP B 78 3.68 8.80 -18.32
N ARG B 79 3.54 8.29 -17.10
CA ARG B 79 2.40 7.43 -16.75
C ARG B 79 1.66 7.88 -15.49
N LEU B 80 0.37 7.56 -15.45
CA LEU B 80 -0.46 7.75 -14.25
C LEU B 80 -0.89 6.38 -13.76
N CYS B 81 -0.70 6.11 -12.48
CA CYS B 81 -0.97 4.78 -11.91
C CYS B 81 -1.96 4.80 -10.75
N PHE B 82 -2.99 3.97 -10.85
CA PHE B 82 -3.92 3.71 -9.77
C PHE B 82 -3.69 2.30 -9.28
N VAL B 83 -3.58 2.14 -7.96
CA VAL B 83 -3.48 0.82 -7.34
C VAL B 83 -4.72 0.59 -6.49
N MET B 84 -5.60 -0.32 -6.91
CA MET B 84 -6.84 -0.59 -6.19
C MET B 84 -6.93 -2.06 -5.84
N GLU B 85 -7.94 -2.40 -5.05
CA GLU B 85 -8.18 -3.79 -4.70
C GLU B 85 -8.64 -4.58 -5.91
N TYR B 86 -8.00 -5.74 -6.10
CA TYR B 86 -8.31 -6.66 -7.20
C TYR B 86 -9.68 -7.30 -6.97
N ALA B 87 -10.61 -7.04 -7.89
CA ALA B 87 -11.92 -7.68 -7.86
C ALA B 87 -11.83 -9.06 -8.52
N ASN B 88 -11.61 -10.10 -7.72
CA ASN B 88 -11.37 -11.46 -8.23
C ASN B 88 -12.52 -11.99 -9.08
N GLY B 89 -13.73 -11.53 -8.79
CA GLY B 89 -14.93 -11.95 -9.53
C GLY B 89 -15.03 -11.41 -10.95
N GLY B 90 -14.24 -10.40 -11.28
CA GLY B 90 -14.26 -9.83 -12.61
C GLY B 90 -15.47 -8.94 -12.81
N GLU B 91 -15.77 -8.63 -14.06
CA GLU B 91 -16.86 -7.73 -14.42
C GLU B 91 -18.18 -8.47 -14.58
N LEU B 92 -19.28 -7.82 -14.17
CA LEU B 92 -20.62 -8.31 -14.50
C LEU B 92 -20.76 -8.56 -16.00
N PHE B 93 -20.13 -7.71 -16.80
CA PHE B 93 -20.13 -7.88 -18.26
C PHE B 93 -19.67 -9.28 -18.67
N PHE B 94 -18.65 -9.80 -18.00
CA PHE B 94 -18.14 -11.14 -18.25
C PHE B 94 -19.22 -12.18 -17.97
N HIS B 95 -19.81 -12.09 -16.77
CA HIS B 95 -20.76 -13.08 -16.29
C HIS B 95 -22.05 -13.07 -17.09
N LEU B 96 -22.62 -11.88 -17.28
CA LEU B 96 -23.86 -11.75 -18.05
C LEU B 96 -23.67 -12.23 -19.49
N SER B 97 -22.50 -11.96 -20.06
CA SER B 97 -22.18 -12.46 -21.40
C SER B 97 -22.14 -14.00 -21.43
N ARG B 98 -21.60 -14.60 -20.38
CA ARG B 98 -21.48 -16.06 -20.29
C ARG B 98 -22.81 -16.73 -19.94
N GLU B 99 -23.57 -16.11 -19.03
CA GLU B 99 -24.84 -16.69 -18.56
C GLU B 99 -26.05 -16.22 -19.37
N ARG B 100 -25.86 -15.17 -20.19
CA ARG B 100 -26.90 -14.63 -21.06
C ARG B 100 -27.92 -13.76 -20.31
N VAL B 101 -28.41 -14.27 -19.17
CA VAL B 101 -29.44 -13.58 -18.39
C VAL B 101 -29.38 -14.02 -16.92
N PHE B 102 -29.74 -13.12 -16.02
CA PHE B 102 -29.84 -13.44 -14.59
C PHE B 102 -31.30 -13.57 -14.18
N THR B 103 -31.53 -14.27 -13.07
CA THR B 103 -32.87 -14.38 -12.51
C THR B 103 -33.22 -13.06 -11.84
N GLU B 104 -34.51 -12.71 -11.79
CA GLU B 104 -34.94 -11.47 -11.16
C GLU B 104 -34.36 -11.33 -9.75
N GLU B 105 -34.25 -12.45 -9.03
CA GLU B 105 -33.68 -12.46 -7.67
C GLU B 105 -32.22 -12.01 -7.70
N ARG B 106 -31.44 -12.63 -8.58
CA ARG B 106 -30.02 -12.31 -8.70
C ARG B 106 -29.81 -10.84 -9.11
N ALA B 107 -30.64 -10.38 -10.03
CA ALA B 107 -30.64 -8.98 -10.46
C ALA B 107 -30.98 -8.07 -9.28
N ARG B 108 -32.02 -8.44 -8.53
CA ARG B 108 -32.42 -7.68 -7.35
C ARG B 108 -31.27 -7.51 -6.36
N PHE B 109 -30.44 -8.54 -6.22
CA PHE B 109 -29.30 -8.49 -5.31
C PHE B 109 -28.25 -7.47 -5.78
N TYR B 110 -27.85 -7.56 -7.04
CA TYR B 110 -26.87 -6.63 -7.58
C TYR B 110 -27.43 -5.21 -7.62
N GLY B 111 -28.66 -5.07 -8.10
CA GLY B 111 -29.33 -3.77 -8.14
C GLY B 111 -29.35 -3.03 -6.81
N ALA B 112 -29.69 -3.77 -5.75
CA ALA B 112 -29.74 -3.22 -4.39
C ALA B 112 -28.39 -2.65 -3.95
N GLU B 113 -27.31 -3.37 -4.28
CA GLU B 113 -25.98 -2.90 -3.92
C GLU B 113 -25.58 -1.68 -4.75
N ILE B 114 -26.02 -1.63 -6.01
CA ILE B 114 -25.75 -0.48 -6.88
C ILE B 114 -26.54 0.74 -6.41
N VAL B 115 -27.77 0.52 -5.97
CA VAL B 115 -28.60 1.60 -5.40
C VAL B 115 -27.96 2.16 -4.13
N SER B 116 -27.45 1.26 -3.29
CA SER B 116 -26.75 1.64 -2.06
C SER B 116 -25.58 2.57 -2.37
N ALA B 117 -24.78 2.18 -3.36
CA ALA B 117 -23.62 2.96 -3.78
C ALA B 117 -24.02 4.30 -4.39
N LEU B 118 -25.06 4.29 -5.22
CA LEU B 118 -25.52 5.53 -5.87
C LEU B 118 -26.12 6.51 -4.87
N GLU B 119 -26.83 6.01 -3.86
CA GLU B 119 -27.32 6.87 -2.78
C GLU B 119 -26.17 7.55 -2.07
N TYR B 120 -25.14 6.76 -1.77
CA TYR B 120 -23.96 7.28 -1.07
C TYR B 120 -23.31 8.39 -1.87
N LEU B 121 -23.03 8.13 -3.14
CA LEU B 121 -22.38 9.13 -4.01
C LEU B 121 -23.23 10.40 -4.14
N HIS B 122 -24.52 10.23 -4.40
CA HIS B 122 -25.43 11.35 -4.57
C HIS B 122 -25.60 12.18 -3.30
N SER B 123 -25.52 11.53 -2.14
CA SER B 123 -25.54 12.24 -0.86
C SER B 123 -24.25 13.06 -0.66
N ARG B 124 -23.19 12.64 -1.34
CA ARG B 124 -21.90 13.34 -1.32
C ARG B 124 -21.79 14.38 -2.45
N ASP B 125 -22.91 14.68 -3.11
CA ASP B 125 -22.98 15.59 -4.26
C ASP B 125 -22.06 15.16 -5.41
N VAL B 126 -22.10 13.86 -5.70
CA VAL B 126 -21.32 13.29 -6.79
C VAL B 126 -22.23 12.47 -7.72
N VAL B 127 -22.21 12.82 -9.00
CA VAL B 127 -22.91 12.07 -10.05
C VAL B 127 -21.89 11.23 -10.80
N TYR B 128 -22.13 9.93 -10.89
CA TYR B 128 -21.16 8.97 -11.41
C TYR B 128 -21.10 9.00 -12.95
N ARG B 129 -22.26 9.06 -13.60
CA ARG B 129 -22.40 9.30 -15.04
C ARG B 129 -21.96 8.18 -16.00
N ASP B 130 -21.55 7.03 -15.48
CA ASP B 130 -21.10 5.94 -16.36
C ASP B 130 -21.41 4.54 -15.79
N ILE B 131 -22.61 4.37 -15.25
CA ILE B 131 -23.06 3.04 -14.81
C ILE B 131 -23.19 2.11 -16.02
N LYS B 132 -22.42 1.03 -16.02
CA LYS B 132 -22.54 0.00 -17.04
C LYS B 132 -21.93 -1.32 -16.57
N LEU B 133 -22.20 -2.40 -17.32
CA LEU B 133 -21.74 -3.75 -16.96
C LEU B 133 -20.21 -3.87 -16.86
N GLU B 134 -19.50 -3.10 -17.68
CA GLU B 134 -18.04 -3.10 -17.68
CA GLU B 134 -18.04 -3.12 -17.66
C GLU B 134 -17.48 -2.47 -16.39
N ASN B 135 -18.20 -1.50 -15.84
CA ASN B 135 -17.74 -0.79 -14.63
C ASN B 135 -18.33 -1.34 -13.32
N LEU B 136 -19.04 -2.45 -13.42
CA LEU B 136 -19.57 -3.14 -12.25
C LEU B 136 -18.84 -4.46 -12.09
N MET B 137 -17.96 -4.53 -11.09
CA MET B 137 -17.17 -5.73 -10.85
C MET B 137 -17.62 -6.45 -9.58
N LEU B 138 -17.10 -7.65 -9.38
CA LEU B 138 -17.43 -8.48 -8.22
C LEU B 138 -16.16 -8.80 -7.43
N ASP B 139 -16.23 -8.70 -6.10
CA ASP B 139 -15.11 -9.11 -5.25
C ASP B 139 -15.16 -10.62 -5.04
N LYS B 140 -14.14 -11.16 -4.36
CA LYS B 140 -14.01 -12.60 -4.15
C LYS B 140 -15.23 -13.26 -3.51
N ASP B 141 -16.00 -12.49 -2.75
CA ASP B 141 -17.21 -12.98 -2.09
C ASP B 141 -18.45 -12.91 -3.00
N GLY B 142 -18.41 -12.04 -3.99
CA GLY B 142 -19.51 -11.90 -4.95
C GLY B 142 -20.30 -10.59 -4.83
N HIS B 143 -19.77 -9.63 -4.08
CA HIS B 143 -20.44 -8.33 -3.92
C HIS B 143 -20.03 -7.35 -5.01
N ILE B 144 -20.93 -6.42 -5.32
CA ILE B 144 -20.69 -5.40 -6.35
C ILE B 144 -19.54 -4.46 -5.96
N LYS B 145 -18.73 -4.12 -6.95
CA LYS B 145 -17.65 -3.14 -6.79
C LYS B 145 -17.63 -2.21 -8.00
N ILE B 146 -18.18 -1.01 -7.84
CA ILE B 146 -18.20 -0.03 -8.91
C ILE B 146 -16.76 0.44 -9.18
N THR B 147 -16.42 0.55 -10.45
CA THR B 147 -15.05 0.85 -10.88
C THR B 147 -15.06 1.98 -11.91
N ASP B 148 -13.90 2.61 -12.11
CA ASP B 148 -13.74 3.69 -13.08
C ASP B 148 -14.58 4.91 -12.72
N PHE B 149 -13.97 5.87 -12.03
CA PHE B 149 -14.64 7.09 -11.58
C PHE B 149 -14.17 8.31 -12.37
N GLY B 150 -13.75 8.08 -13.61
CA GLY B 150 -13.19 9.13 -14.45
C GLY B 150 -14.18 9.97 -15.22
N LEU B 151 -15.48 9.77 -14.98
CA LEU B 151 -16.52 10.67 -15.54
C LEU B 151 -17.41 11.26 -14.43
N CYS B 152 -16.97 11.17 -13.18
CA CYS B 152 -17.69 11.77 -12.06
C CYS B 152 -17.64 13.29 -12.09
N LYS B 153 -18.76 13.93 -11.78
CA LYS B 153 -18.80 15.36 -11.54
C LYS B 153 -19.12 15.60 -10.07
N GLU B 154 -18.48 16.61 -9.48
CA GLU B 154 -18.69 16.95 -8.07
C GLU B 154 -19.47 18.24 -7.93
N GLY B 155 -19.94 18.48 -6.71
CA GLY B 155 -20.71 19.68 -6.40
C GLY B 155 -22.10 19.69 -7.00
N ILE B 156 -22.61 18.51 -7.33
CA ILE B 156 -23.93 18.37 -7.94
C ILE B 156 -24.91 17.84 -6.89
N SER B 157 -25.78 18.72 -6.40
CA SER B 157 -26.82 18.36 -5.44
C SER B 157 -28.17 18.49 -6.13
N ASP B 158 -29.24 18.14 -5.41
CA ASP B 158 -30.59 18.17 -5.98
C ASP B 158 -30.84 19.48 -6.72
N GLY B 159 -31.01 19.38 -8.04
CA GLY B 159 -31.30 20.54 -8.88
C GLY B 159 -30.13 20.99 -9.74
N ALA B 160 -28.91 20.82 -9.24
CA ALA B 160 -27.71 21.22 -9.96
C ALA B 160 -27.59 20.45 -11.28
N THR B 161 -26.86 21.04 -12.22
CA THR B 161 -26.82 20.52 -13.59
C THR B 161 -25.39 20.32 -14.09
N MET B 162 -25.27 19.66 -15.24
CA MET B 162 -23.97 19.35 -15.86
C MET B 162 -24.03 19.56 -17.37
N LYS B 163 -22.89 19.89 -17.97
CA LYS B 163 -22.83 20.26 -19.38
C LYS B 163 -21.99 19.35 -20.29
N PHE B 165 -20.96 16.46 -22.51
CA PHE B 165 -21.47 15.33 -23.26
C PHE B 165 -20.50 14.19 -23.03
N CYS B 166 -20.84 13.34 -22.07
CA CYS B 166 -19.99 12.21 -21.70
C CYS B 166 -20.81 11.03 -21.21
N GLY B 167 -20.17 9.87 -21.14
CA GLY B 167 -20.81 8.63 -20.70
C GLY B 167 -20.41 7.49 -21.61
N THR B 168 -21.31 6.53 -21.79
CA THR B 168 -21.16 5.48 -22.81
C THR B 168 -22.40 5.52 -23.70
N PRO B 169 -22.21 5.56 -25.04
CA PRO B 169 -23.31 5.74 -25.99
C PRO B 169 -24.56 4.92 -25.68
N GLU B 170 -24.38 3.61 -25.50
CA GLU B 170 -25.51 2.71 -25.30
C GLU B 170 -26.27 2.99 -24.00
N TYR B 171 -25.63 3.70 -23.06
CA TYR B 171 -26.20 3.98 -21.73
C TYR B 171 -26.61 5.45 -21.52
N LEU B 172 -26.37 6.31 -22.50
CA LEU B 172 -26.68 7.72 -22.35
C LEU B 172 -28.18 7.92 -22.14
N ALA B 173 -28.53 8.72 -21.13
CA ALA B 173 -29.93 9.07 -20.90
C ALA B 173 -30.40 10.04 -22.00
N PRO B 174 -31.70 9.98 -22.34
CA PRO B 174 -32.20 10.77 -23.47
C PRO B 174 -31.99 12.28 -23.36
N GLU B 175 -32.04 12.81 -22.14
CA GLU B 175 -31.80 14.26 -21.94
C GLU B 175 -30.35 14.66 -22.27
N VAL B 176 -29.40 13.75 -22.02
CA VAL B 176 -28.01 13.97 -22.40
C VAL B 176 -27.88 14.08 -23.92
N LEU B 177 -28.80 13.46 -24.65
CA LEU B 177 -28.87 13.59 -26.11
C LEU B 177 -29.59 14.86 -26.57
N GLU B 178 -29.84 15.80 -25.66
CA GLU B 178 -30.42 17.10 -25.99
C GLU B 178 -29.43 18.22 -25.68
N ASP B 179 -29.76 19.42 -26.13
CA ASP B 179 -28.92 20.60 -25.87
C ASP B 179 -28.99 21.01 -24.40
N ASN B 180 -28.12 21.94 -24.04
CA ASN B 180 -28.06 22.47 -22.68
C ASN B 180 -27.74 21.36 -21.66
N ASP B 181 -28.33 21.39 -20.47
CA ASP B 181 -27.81 20.63 -19.35
C ASP B 181 -28.78 19.60 -18.79
N TYR B 182 -28.22 18.70 -17.99
CA TYR B 182 -28.95 17.60 -17.39
C TYR B 182 -28.56 17.47 -15.94
N GLY B 183 -29.31 16.66 -15.18
CA GLY B 183 -29.10 16.50 -13.75
C GLY B 183 -28.66 15.11 -13.35
N ARG B 184 -28.66 14.86 -12.03
CA ARG B 184 -28.14 13.62 -11.47
C ARG B 184 -28.98 12.38 -11.79
N ALA B 185 -30.20 12.58 -12.26
CA ALA B 185 -31.09 11.47 -12.61
C ALA B 185 -30.51 10.55 -13.68
N VAL B 186 -29.53 11.05 -14.44
CA VAL B 186 -28.86 10.23 -15.46
C VAL B 186 -28.33 8.92 -14.89
N ASP B 187 -27.90 8.93 -13.62
CA ASP B 187 -27.42 7.72 -12.96
C ASP B 187 -28.50 6.64 -12.82
N TRP B 188 -29.74 7.06 -12.55
CA TRP B 188 -30.84 6.11 -12.37
C TRP B 188 -31.28 5.47 -13.68
N TRP B 189 -31.23 6.26 -14.75
CA TRP B 189 -31.37 5.73 -16.10
C TRP B 189 -30.31 4.66 -16.37
N GLY B 190 -29.07 4.96 -15.96
CA GLY B 190 -27.95 4.03 -16.12
C GLY B 190 -28.19 2.72 -15.41
N LEU B 191 -28.64 2.81 -14.16
CA LEU B 191 -29.07 1.63 -13.41
C LEU B 191 -30.16 0.89 -14.21
N GLY B 192 -31.12 1.65 -14.72
CA GLY B 192 -32.20 1.09 -15.54
C GLY B 192 -31.70 0.22 -16.68
N VAL B 193 -30.69 0.70 -17.40
CA VAL B 193 -30.15 -0.04 -18.54
C VAL B 193 -29.49 -1.34 -18.09
N VAL B 194 -28.68 -1.30 -17.04
CA VAL B 194 -28.04 -2.51 -16.52
C VAL B 194 -29.06 -3.51 -15.95
N MET B 195 -30.05 -3.01 -15.21
CA MET B 195 -31.13 -3.87 -14.70
C MET B 195 -31.89 -4.53 -15.86
N TYR B 196 -32.18 -3.74 -16.89
CA TYR B 196 -32.84 -4.27 -18.08
C TYR B 196 -32.00 -5.37 -18.70
N GLU B 197 -30.69 -5.12 -18.83
CA GLU B 197 -29.76 -6.12 -19.37
C GLU B 197 -29.71 -7.38 -18.53
N MET B 198 -29.71 -7.23 -17.22
CA MET B 198 -29.59 -8.38 -16.31
C MET B 198 -30.81 -9.30 -16.37
N MET B 199 -31.99 -8.70 -16.54
CA MET B 199 -33.23 -9.48 -16.55
C MET B 199 -33.73 -9.80 -17.98
N CYS B 200 -33.41 -8.96 -18.96
CA CYS B 200 -33.87 -9.17 -20.35
C CYS B 200 -32.80 -9.66 -21.32
N GLY B 201 -31.55 -9.72 -20.87
CA GLY B 201 -30.47 -10.33 -21.66
C GLY B 201 -30.04 -9.56 -22.90
N ARG B 202 -30.42 -8.29 -22.98
CA ARG B 202 -29.95 -7.40 -24.04
C ARG B 202 -30.12 -5.97 -23.58
N LEU B 203 -29.44 -5.04 -24.26
CA LEU B 203 -29.68 -3.62 -24.03
C LEU B 203 -31.11 -3.30 -24.43
N PRO B 204 -31.71 -2.28 -23.82
CA PRO B 204 -33.06 -1.87 -24.20
C PRO B 204 -33.09 -1.26 -25.60
N PHE B 205 -31.98 -0.64 -26.00
CA PHE B 205 -31.79 -0.12 -27.35
C PHE B 205 -30.40 -0.51 -27.82
N TYR B 206 -30.25 -0.85 -29.10
CA TYR B 206 -28.94 -1.05 -29.68
C TYR B 206 -28.89 -0.84 -31.19
N ASN B 207 -27.81 -0.19 -31.64
CA ASN B 207 -27.40 -0.14 -33.03
C ASN B 207 -25.94 0.31 -33.03
N GLN B 208 -25.12 -0.28 -33.88
CA GLN B 208 -23.69 0.10 -33.91
C GLN B 208 -23.48 1.50 -34.49
N ASP B 209 -24.46 1.98 -35.25
CA ASP B 209 -24.51 3.38 -35.69
C ASP B 209 -25.07 4.24 -34.55
N HIS B 210 -24.23 5.08 -33.96
CA HIS B 210 -24.65 5.95 -32.86
C HIS B 210 -25.83 6.86 -33.24
N GLU B 211 -25.81 7.38 -34.46
CA GLU B 211 -26.93 8.20 -34.95
C GLU B 211 -28.25 7.44 -34.83
N ARG B 212 -28.25 6.16 -35.22
CA ARG B 212 -29.44 5.30 -35.10
C ARG B 212 -29.75 4.98 -33.64
N LEU B 213 -28.71 4.72 -32.86
CA LEU B 213 -28.85 4.38 -31.43
C LEU B 213 -29.42 5.53 -30.60
N PHE B 214 -28.91 6.74 -30.84
CA PHE B 214 -29.39 7.93 -30.13
C PHE B 214 -30.83 8.28 -30.50
N GLU B 215 -31.24 7.94 -31.72
CA GLU B 215 -32.65 8.08 -32.08
C GLU B 215 -33.50 7.09 -31.30
N LEU B 216 -33.02 5.85 -31.17
CA LEU B 216 -33.76 4.83 -30.41
C LEU B 216 -33.96 5.24 -28.96
N ILE B 217 -32.90 5.73 -28.32
CA ILE B 217 -32.96 6.17 -26.92
C ILE B 217 -34.01 7.27 -26.70
N LEU B 218 -34.07 8.22 -27.61
CA LEU B 218 -34.99 9.36 -27.50
C LEU B 218 -36.42 9.02 -27.88
N MET B 219 -36.59 8.15 -28.87
CA MET B 219 -37.89 7.96 -29.56
C MET B 219 -38.55 6.60 -29.30
N GLU B 220 -37.74 5.53 -29.27
CA GLU B 220 -38.26 4.16 -29.21
C GLU B 220 -38.74 3.81 -27.82
N GLU B 221 -39.80 3.02 -27.74
CA GLU B 221 -40.30 2.56 -26.43
C GLU B 221 -39.73 1.17 -26.13
N ILE B 222 -39.47 0.93 -24.85
CA ILE B 222 -38.86 -0.32 -24.43
C ILE B 222 -39.87 -1.45 -24.48
N ARG B 223 -39.40 -2.64 -24.82
CA ARG B 223 -40.23 -3.85 -24.81
C ARG B 223 -39.78 -4.71 -23.63
N PHE B 224 -40.67 -5.59 -23.18
CA PHE B 224 -40.38 -6.50 -22.07
C PHE B 224 -40.77 -7.93 -22.43
N PRO B 225 -39.96 -8.91 -22.03
CA PRO B 225 -40.42 -10.29 -22.13
C PRO B 225 -41.76 -10.48 -21.40
N ARG B 226 -42.67 -11.25 -22.00
CA ARG B 226 -43.99 -11.49 -21.42
C ARG B 226 -43.90 -12.07 -20.01
N THR B 227 -42.92 -12.94 -19.81
CA THR B 227 -42.75 -13.64 -18.53
C THR B 227 -42.25 -12.73 -17.41
N LEU B 228 -41.65 -11.60 -17.76
CA LEU B 228 -41.09 -10.67 -16.78
C LEU B 228 -42.19 -10.22 -15.82
N SER B 229 -41.86 -10.18 -14.53
CA SER B 229 -42.86 -9.88 -13.49
C SER B 229 -43.37 -8.45 -13.61
N PRO B 230 -44.61 -8.20 -13.16
CA PRO B 230 -45.17 -6.84 -13.20
C PRO B 230 -44.33 -5.80 -12.46
N GLU B 231 -43.83 -6.16 -11.28
CA GLU B 231 -42.93 -5.27 -10.52
C GLU B 231 -41.62 -5.01 -11.26
N ALA B 232 -41.03 -6.04 -11.86
CA ALA B 232 -39.81 -5.87 -12.68
C ALA B 232 -40.07 -4.91 -13.82
N LYS B 233 -41.18 -5.12 -14.55
CA LYS B 233 -41.62 -4.22 -15.61
C LYS B 233 -41.78 -2.79 -15.10
N SER B 234 -42.39 -2.64 -13.93
CA SER B 234 -42.64 -1.33 -13.35
C SER B 234 -41.34 -0.59 -13.00
N LEU B 235 -40.36 -1.33 -12.47
CA LEU B 235 -39.07 -0.73 -12.12
C LEU B 235 -38.35 -0.23 -13.36
N LEU B 236 -38.20 -1.11 -14.36
CA LEU B 236 -37.54 -0.76 -15.61
C LEU B 236 -38.25 0.41 -16.31
N ALA B 237 -39.59 0.38 -16.30
CA ALA B 237 -40.40 1.47 -16.85
C ALA B 237 -40.12 2.79 -16.15
N GLY B 238 -39.92 2.72 -14.83
CA GLY B 238 -39.64 3.89 -14.02
C GLY B 238 -38.22 4.39 -14.18
N LEU B 239 -37.26 3.46 -14.14
CA LEU B 239 -35.85 3.82 -14.28
C LEU B 239 -35.57 4.34 -15.69
N LEU B 240 -36.21 3.71 -16.68
CA LEU B 240 -36.05 4.12 -18.08
C LEU B 240 -37.15 5.07 -18.57
N LYS B 241 -37.65 5.91 -17.66
CA LYS B 241 -38.54 7.00 -18.04
C LYS B 241 -37.71 8.03 -18.78
N LYS B 242 -38.08 8.32 -20.03
CA LYS B 242 -37.31 9.25 -20.85
C LYS B 242 -37.27 10.65 -20.22
N ASP B 243 -38.39 11.06 -19.62
CA ASP B 243 -38.46 12.31 -18.87
C ASP B 243 -37.79 12.13 -17.51
N PRO B 244 -36.69 12.86 -17.24
CA PRO B 244 -36.00 12.70 -15.95
C PRO B 244 -36.78 13.26 -14.76
N LYS B 245 -37.68 14.20 -15.00
CA LYS B 245 -38.51 14.74 -13.91
C LYS B 245 -39.47 13.68 -13.36
N GLN B 246 -39.91 12.78 -14.23
CA GLN B 246 -40.86 11.74 -13.86
C GLN B 246 -40.18 10.37 -13.76
N ARG B 247 -38.85 10.36 -13.82
CA ARG B 247 -38.08 9.13 -13.69
C ARG B 247 -37.95 8.73 -12.23
N LEU B 248 -37.91 7.43 -11.99
CA LEU B 248 -37.79 6.88 -10.64
C LEU B 248 -36.43 7.27 -10.07
N GLY B 249 -36.45 7.98 -8.94
CA GLY B 249 -35.24 8.50 -8.33
C GLY B 249 -34.87 9.92 -8.78
N GLY B 250 -35.62 10.46 -9.73
CA GLY B 250 -35.39 11.80 -10.27
C GLY B 250 -36.00 12.92 -9.44
N GLY B 251 -36.84 12.57 -8.47
CA GLY B 251 -37.39 13.56 -7.56
C GLY B 251 -36.37 13.98 -6.51
N PRO B 252 -36.81 14.75 -5.51
CA PRO B 252 -35.90 15.27 -4.49
C PRO B 252 -35.38 14.19 -3.54
N SER B 253 -36.15 13.12 -3.37
CA SER B 253 -35.79 12.03 -2.46
C SER B 253 -34.68 11.13 -3.03
N ASP B 254 -34.36 11.31 -4.31
CA ASP B 254 -33.25 10.60 -4.97
C ASP B 254 -33.45 9.07 -4.85
N ALA B 255 -32.56 8.38 -4.11
CA ALA B 255 -32.57 6.92 -4.08
C ALA B 255 -33.73 6.32 -3.28
N LYS B 256 -34.33 7.12 -2.41
CA LYS B 256 -35.44 6.66 -1.58
C LYS B 256 -36.64 6.25 -2.43
N GLU B 257 -36.82 6.89 -3.58
CA GLU B 257 -37.85 6.49 -4.53
C GLU B 257 -37.59 5.09 -5.06
N VAL B 258 -36.36 4.85 -5.49
CA VAL B 258 -35.97 3.55 -6.04
C VAL B 258 -36.02 2.49 -4.94
N MET B 259 -35.53 2.84 -3.76
CA MET B 259 -35.50 1.91 -2.64
C MET B 259 -36.91 1.49 -2.21
N GLU B 260 -37.83 2.44 -2.19
CA GLU B 260 -39.22 2.17 -1.80
C GLU B 260 -40.07 1.55 -2.93
N HIS B 261 -39.49 1.34 -4.10
CA HIS B 261 -40.19 0.68 -5.20
C HIS B 261 -40.49 -0.78 -4.84
N ARG B 262 -41.63 -1.24 -5.32
CA ARG B 262 -42.18 -2.56 -4.99
C ARG B 262 -41.29 -3.73 -5.44
N PHE B 263 -40.43 -3.50 -6.43
CA PHE B 263 -39.48 -4.51 -6.87
C PHE B 263 -38.51 -4.90 -5.75
N PHE B 264 -38.23 -3.98 -4.85
CA PHE B 264 -37.35 -4.24 -3.70
C PHE B 264 -38.13 -4.40 -2.40
N LEU B 265 -39.36 -4.90 -2.50
CA LEU B 265 -40.21 -5.15 -1.34
C LEU B 265 -39.52 -6.04 -0.29
N SER B 266 -38.82 -7.07 -0.76
CA SER B 266 -38.15 -8.01 0.13
C SER B 266 -36.82 -7.50 0.69
N ILE B 267 -36.29 -6.41 0.12
CA ILE B 267 -34.99 -5.89 0.54
C ILE B 267 -35.08 -5.00 1.77
N ASN B 268 -34.21 -5.28 2.75
CA ASN B 268 -33.92 -4.37 3.85
C ASN B 268 -32.60 -3.66 3.52
N TRP B 269 -32.67 -2.35 3.40
CA TRP B 269 -31.55 -1.57 2.84
C TRP B 269 -30.38 -1.39 3.78
N GLN B 270 -30.62 -1.59 5.07
CA GLN B 270 -29.58 -1.53 6.08
C GLN B 270 -28.84 -2.86 6.14
N ASP B 271 -29.52 -3.95 5.80
CA ASP B 271 -28.86 -5.25 5.62
C ASP B 271 -27.95 -5.22 4.38
N VAL B 272 -28.39 -4.50 3.36
CA VAL B 272 -27.62 -4.37 2.12
C VAL B 272 -26.25 -3.74 2.37
N VAL B 273 -26.25 -2.53 2.92
CA VAL B 273 -25.01 -1.77 3.18
C VAL B 273 -24.14 -2.40 4.27
N GLN B 274 -24.74 -3.15 5.18
CA GLN B 274 -23.99 -3.87 6.22
C GLN B 274 -23.43 -5.21 5.71
N LYS B 275 -23.62 -5.50 4.43
CA LYS B 275 -23.14 -6.74 3.80
C LYS B 275 -23.73 -8.03 4.41
N LYS B 276 -24.91 -7.91 5.02
CA LYS B 276 -25.57 -9.05 5.65
C LYS B 276 -26.32 -9.92 4.64
N LEU B 277 -26.51 -9.42 3.42
CA LEU B 277 -27.14 -10.21 2.36
C LEU B 277 -26.15 -11.19 1.73
N LEU B 278 -26.61 -12.42 1.49
CA LEU B 278 -25.78 -13.48 0.91
C LEU B 278 -25.80 -13.39 -0.60
N PRO B 279 -24.61 -13.29 -1.23
CA PRO B 279 -24.54 -13.33 -2.70
C PRO B 279 -25.14 -14.61 -3.28
N PRO B 280 -25.90 -14.49 -4.38
CA PRO B 280 -26.39 -15.70 -5.04
C PRO B 280 -25.29 -16.47 -5.79
N PHE B 281 -24.22 -15.78 -6.19
CA PHE B 281 -23.09 -16.40 -6.90
C PHE B 281 -21.77 -16.03 -6.23
N LYS B 282 -21.02 -17.05 -5.79
CA LYS B 282 -19.71 -16.84 -5.17
C LYS B 282 -18.58 -17.24 -6.13
N PRO B 283 -17.75 -16.26 -6.55
CA PRO B 283 -16.64 -16.55 -7.45
C PRO B 283 -15.83 -17.78 -7.00
N GLN B 284 -15.62 -18.71 -7.91
CA GLN B 284 -14.94 -19.97 -7.62
C GLN B 284 -13.42 -19.85 -7.80
N VAL B 285 -12.82 -18.75 -7.34
CA VAL B 285 -11.38 -18.54 -7.50
C VAL B 285 -10.62 -19.41 -6.52
N THR B 286 -9.63 -20.15 -7.02
CA THR B 286 -8.89 -21.13 -6.22
C THR B 286 -7.65 -20.53 -5.55
N SER B 287 -7.06 -19.51 -6.17
CA SER B 287 -5.90 -18.81 -5.59
C SER B 287 -6.06 -17.29 -5.74
N GLU B 288 -5.10 -16.54 -5.20
CA GLU B 288 -5.12 -15.08 -5.27
C GLU B 288 -4.74 -14.56 -6.67
N VAL B 289 -3.91 -15.32 -7.38
CA VAL B 289 -3.47 -14.96 -8.74
C VAL B 289 -4.41 -15.52 -9.82
N ASP B 290 -5.56 -16.04 -9.41
CA ASP B 290 -6.54 -16.64 -10.31
C ASP B 290 -7.27 -15.57 -11.11
N THR B 291 -7.28 -15.70 -12.43
CA THR B 291 -7.90 -14.73 -13.32
C THR B 291 -8.91 -15.39 -14.27
N ARG B 292 -9.67 -16.35 -13.75
CA ARG B 292 -10.64 -17.11 -14.55
C ARG B 292 -11.80 -16.26 -15.03
N TYR B 293 -12.21 -15.28 -14.22
CA TYR B 293 -13.33 -14.40 -14.56
C TYR B 293 -12.88 -13.15 -15.33
N PHE B 294 -11.79 -13.28 -16.07
CA PHE B 294 -11.34 -12.29 -17.02
C PHE B 294 -11.07 -13.00 -18.35
N ASP B 295 -11.06 -12.23 -19.43
CA ASP B 295 -10.99 -12.79 -20.78
C ASP B 295 -9.58 -13.24 -21.15
N ASP B 296 -9.50 -14.36 -21.88
CA ASP B 296 -8.26 -14.82 -22.48
C ASP B 296 -7.66 -13.77 -23.42
N GLU B 297 -8.54 -13.00 -24.06
CA GLU B 297 -8.14 -11.87 -24.92
C GLU B 297 -7.04 -11.01 -24.28
N PHE B 298 -7.14 -10.78 -22.97
CA PHE B 298 -6.19 -9.95 -22.24
C PHE B 298 -5.14 -10.76 -21.48
N THR B 299 -5.61 -11.76 -20.72
CA THR B 299 -4.73 -12.52 -19.82
C THR B 299 -3.67 -13.37 -20.53
N ALA B 300 -3.88 -13.66 -21.81
CA ALA B 300 -2.89 -14.40 -22.60
C ALA B 300 -1.69 -13.55 -23.02
N GLN B 301 -1.86 -12.23 -23.04
CA GLN B 301 -0.83 -11.31 -23.54
C GLN B 301 0.37 -11.20 -22.60
N SER B 302 1.52 -10.88 -23.18
CA SER B 302 2.72 -10.55 -22.41
C SER B 302 2.59 -9.12 -21.87
N ILE B 303 3.59 -8.67 -21.12
CA ILE B 303 3.49 -7.42 -20.38
C ILE B 303 4.68 -6.48 -20.63
N GLN B 321 11.70 17.29 -16.02
CA GLN B 321 10.78 18.34 -16.42
C GLN B 321 9.44 18.22 -15.66
N ARG B 322 8.88 19.36 -15.25
CA ARG B 322 7.64 19.39 -14.49
C ARG B 322 6.42 19.06 -15.36
N THR B 323 6.26 17.77 -15.63
CA THR B 323 5.13 17.23 -16.39
C THR B 323 4.19 16.55 -15.41
N HIS B 324 3.90 17.29 -14.34
CA HIS B 324 3.32 16.76 -13.12
C HIS B 324 1.82 17.04 -13.04
N PHE B 325 1.06 16.04 -12.60
CA PHE B 325 -0.39 16.17 -12.40
C PHE B 325 -0.68 16.46 -10.93
N PRO B 326 -1.20 17.66 -10.61
CA PRO B 326 -1.48 18.01 -9.22
C PRO B 326 -2.76 17.34 -8.70
N GLN B 327 -2.87 17.18 -7.38
CA GLN B 327 -4.03 16.54 -6.73
C GLN B 327 -4.10 15.01 -6.98
N PHE B 328 -2.97 14.43 -7.36
CA PHE B 328 -2.84 12.99 -7.57
C PHE B 328 -1.98 12.47 -6.40
N ASP B 329 -1.09 11.50 -6.63
CA ASP B 329 -0.06 11.11 -5.65
C ASP B 329 -0.60 10.90 -4.22
N TYR B 330 -1.61 10.04 -4.10
CA TYR B 330 -2.27 9.77 -2.83
C TYR B 330 -1.88 8.40 -2.27
N SER B 331 -1.99 8.25 -0.94
CA SER B 331 -1.78 6.97 -0.27
C SER B 331 -2.82 6.74 0.83
N ALA B 332 -3.35 5.52 0.90
CA ALA B 332 -4.38 5.17 1.89
C ALA B 332 -3.83 5.11 3.33
N SER B 333 -2.54 4.81 3.46
CA SER B 333 -1.88 4.79 4.78
C SER B 333 -1.63 6.19 5.33
N ILE B 334 -1.49 7.18 4.45
CA ILE B 334 -1.16 8.56 4.83
C ILE B 334 -2.40 9.45 4.96
N ARG B 335 -3.36 9.27 4.04
CA ARG B 335 -4.69 9.90 4.16
C ARG B 335 -5.78 8.87 3.89
N GLY C 1 8.81 -17.55 12.54
CA GLY C 1 9.67 -16.72 11.64
C GLY C 1 8.84 -15.89 10.68
N ARG C 2 8.71 -14.59 10.98
CA ARG C 2 7.97 -13.67 10.11
C ARG C 2 8.76 -13.38 8.83
N PRO C 3 8.09 -12.86 7.79
CA PRO C 3 8.81 -12.57 6.55
C PRO C 3 9.69 -11.32 6.69
N ARG C 4 10.68 -11.20 5.81
CA ARG C 4 11.54 -10.01 5.77
C ARG C 4 10.68 -8.77 5.70
N THR C 5 10.95 -7.82 6.60
CA THR C 5 10.28 -6.53 6.56
C THR C 5 11.06 -5.61 5.63
N THR C 6 10.38 -4.58 5.13
CA THR C 6 11.00 -3.62 4.21
C THR C 6 10.76 -2.20 4.73
N SER C 7 11.84 -1.46 4.96
CA SER C 7 11.75 -0.09 5.42
C SER C 7 11.22 0.81 4.30
N PHE C 8 10.66 1.96 4.67
CA PHE C 8 10.05 2.87 3.71
C PHE C 8 10.11 4.33 4.16
N ALA C 9 9.66 5.22 3.29
CA ALA C 9 9.59 6.66 3.60
C ALA C 9 8.51 7.36 2.77
N GLU C 10 7.62 8.09 3.45
CA GLU C 10 6.59 8.93 2.83
C GLU C 10 5.73 8.18 1.79
N GLY D 1 -24.86 -11.46 -26.20
CA GLY D 1 -23.62 -10.79 -25.72
C GLY D 1 -23.22 -9.66 -26.65
N ARG D 2 -23.51 -8.42 -26.24
CA ARG D 2 -23.13 -7.24 -27.01
C ARG D 2 -21.62 -7.00 -26.96
N PRO D 3 -21.08 -6.20 -27.88
CA PRO D 3 -19.65 -5.94 -27.85
C PRO D 3 -19.25 -4.99 -26.72
N ARG D 4 -17.97 -5.01 -26.34
CA ARG D 4 -17.44 -4.10 -25.32
C ARG D 4 -17.81 -2.67 -25.68
N THR D 5 -18.41 -1.95 -24.74
CA THR D 5 -18.68 -0.54 -24.92
C THR D 5 -17.45 0.25 -24.50
N THR D 6 -17.35 1.48 -25.01
CA THR D 6 -16.23 2.36 -24.69
C THR D 6 -16.75 3.72 -24.23
N SER D 7 -16.37 4.11 -23.02
CA SER D 7 -16.79 5.41 -22.47
C SER D 7 -16.05 6.54 -23.18
N PHE D 8 -16.64 7.74 -23.13
CA PHE D 8 -16.11 8.89 -23.87
C PHE D 8 -16.40 10.20 -23.15
N ALA D 9 -15.89 11.30 -23.72
CA ALA D 9 -16.15 12.65 -23.21
C ALA D 9 -15.98 13.70 -24.31
N GLU D 10 -17.01 14.55 -24.47
CA GLU D 10 -17.00 15.69 -25.40
C GLU D 10 -16.66 15.28 -26.85
#